data_7OVS
#
_entry.id   7OVS
#
_cell.length_a   199.519
_cell.length_b   199.519
_cell.length_c   90.278
_cell.angle_alpha   90.000
_cell.angle_beta   90.000
_cell.angle_gamma   120.000
#
_symmetry.space_group_name_H-M   'P 62 2 2'
#
loop_
_entity.id
_entity.type
_entity.pdbx_description
1 polymer 'Queuine tRNA-ribosyltransferase accessory subunit 2'
2 polymer 'Queuine tRNA-ribosyltransferase catalytic subunit 1'
3 non-polymer 'ZINC ION'
4 non-polymer 6-tungstotellurate(VI)
5 non-polymer pentadecaoxodiphosphopentatungstate
6 water water
#
loop_
_entity_poly.entity_id
_entity_poly.type
_entity_poly.pdbx_seq_one_letter_code
_entity_poly.pdbx_strand_id
1 'polypeptide(L)'
;GPKLSLIKVVNGCRLGKIQNLGKAGDCTVDIPGCLLYTRTGSAPHLTHQTLRNIHGVPGIAQLTLSSLAEHHEVLAEYKK
GVGSFIGMPESLFYCSLHDPVTPGPAGYVTSKSVSVWGFGGRVEMTVSKFMAIQEALQPDWFQCLSDGEASCAETTSIKR
ARKSVDRSLLFLDSCLRLQEESEVLQKSVIIGVIEGGDVMEERLRSARETAKRPVGGFLLDGFQGDPAVTETRLHLLSSV
TAELPEDKPRLICGVSRPDEVLECIERGVDLFESFFPYQVTERGCALTFTFDCQLNPEETLLQQNGIQEKIKGLDQAKKI
EATGCNQEMTSFEINLKEKKYQEDFDPLVRGCSCYCCKNHTRAYIHHLLMTNELLAGVLLMMHNFEHYFGFFCSIREALK
NDTLAQLKELICRQMFDNN
;
A
2 'polypeptide(L)'
;GPESAPRIMRLVAECSRSGARAGELRLPHGTVATPVFMPVGTQATMKGITTEQLDSLGCRICLGNTYHLGLRPGPELIRK
AQGLHGFMNWPHNLLTDSGGFQMVSLFSLSEVTEEGVHFRSPYDGEETLLSPERSVEIQNALGSDIIMQLDHVVSSTVTG
PLVEEAMHRSVRWLDRCIAAHKHPDKQNLFAIIQGGLNADLRTTCLKEMTKRDVPGFAIGGLSGGESKAQFWKMVALSTS
MLPKDKPRYLMGVGYATDLVVCVALGCDMFDCVYPTRTARFGSALVPTGNLQLKKKQYAKDFSPINPECPCPTCQTHSRA
FLHALLHSDNTTALHHLTVHNIAYQLQLLSAVRSSILEQRFPDFVRNFMRTMYGDHSLCPAWAVEALASVGIMLT
;
C
#
loop_
_chem_comp.id
_chem_comp.type
_chem_comp.name
_chem_comp.formula
2I2 non-polymer pentadecaoxodiphosphopentatungstate 'H10 O23 P2 W5 4'
TEW non-polymer 6-tungstotellurate(VI) 'O24 Te W6 -6'
ZN non-polymer 'ZINC ION' 'Zn 2'
#
# COMPACT_ATOMS: atom_id res chain seq x y z
N PRO A 2 31.65 1.69 16.11
CA PRO A 2 31.57 0.98 14.83
C PRO A 2 32.89 0.35 14.42
N LYS A 3 33.05 -0.95 14.73
CA LYS A 3 34.28 -1.67 14.41
C LYS A 3 34.22 -2.12 12.96
N LEU A 4 35.00 -1.46 12.10
CA LEU A 4 35.02 -1.75 10.68
C LEU A 4 36.19 -2.69 10.36
N SER A 5 35.92 -3.71 9.54
CA SER A 5 36.91 -4.69 9.15
C SER A 5 36.89 -4.84 7.64
N LEU A 6 38.03 -4.60 6.99
CA LEU A 6 38.13 -4.68 5.54
C LEU A 6 38.71 -6.02 5.12
N ILE A 7 38.09 -6.64 4.12
CA ILE A 7 38.61 -7.89 3.58
C ILE A 7 39.78 -7.62 2.64
N LYS A 8 39.61 -6.68 1.70
CA LYS A 8 40.70 -6.24 0.83
C LYS A 8 40.32 -4.92 0.20
N VAL A 9 41.28 -4.32 -0.49
CA VAL A 9 41.07 -3.08 -1.24
C VAL A 9 41.62 -3.33 -2.64
N VAL A 10 40.75 -3.75 -3.56
CA VAL A 10 41.13 -4.02 -4.93
C VAL A 10 40.82 -2.79 -5.77
N ASN A 11 41.87 -2.16 -6.31
CA ASN A 11 41.75 -1.00 -7.18
C ASN A 11 41.00 0.14 -6.49
N GLY A 12 41.21 0.27 -5.18
CA GLY A 12 40.60 1.35 -4.40
C GLY A 12 39.22 1.05 -3.85
N CYS A 13 38.68 -0.14 -4.10
CA CYS A 13 37.35 -0.50 -3.62
C CYS A 13 37.48 -1.25 -2.30
N ARG A 14 36.80 -0.76 -1.27
CA ARG A 14 36.90 -1.32 0.07
C ARG A 14 35.83 -2.40 0.23
N LEU A 15 36.27 -3.66 0.31
CA LEU A 15 35.39 -4.78 0.60
C LEU A 15 35.56 -5.18 2.06
N GLY A 16 34.47 -5.16 2.81
CA GLY A 16 34.56 -5.48 4.22
C GLY A 16 33.18 -5.53 4.86
N LYS A 17 33.18 -5.39 6.18
CA LYS A 17 31.97 -5.50 6.98
C LYS A 17 32.13 -4.70 8.27
N ILE A 18 31.08 -4.00 8.65
CA ILE A 18 31.06 -3.20 9.88
C ILE A 18 30.33 -4.01 10.94
N GLN A 19 31.04 -4.43 11.97
CA GLN A 19 30.48 -5.34 12.97
C GLN A 19 30.11 -4.60 14.25
N ASN A 20 29.34 -5.29 15.09
CA ASN A 20 28.94 -4.83 16.42
C ASN A 20 28.23 -3.48 16.34
N LEU A 21 27.05 -3.52 15.72
CA LEU A 21 26.20 -2.36 15.55
C LEU A 21 24.86 -2.61 16.24
N GLY A 22 24.22 -1.53 16.67
CA GLY A 22 22.89 -1.60 17.26
C GLY A 22 22.93 -1.52 18.77
N LYS A 23 21.72 -1.47 19.34
CA LYS A 23 21.58 -1.43 20.79
C LYS A 23 22.25 -2.63 21.44
N ALA A 24 21.96 -3.83 20.93
CA ALA A 24 22.60 -5.05 21.43
C ALA A 24 23.98 -5.28 20.83
N GLY A 25 24.39 -4.49 19.84
CA GLY A 25 25.67 -4.70 19.20
C GLY A 25 25.77 -6.01 18.44
N ASP A 26 24.64 -6.58 18.03
CA ASP A 26 24.61 -7.88 17.36
C ASP A 26 24.23 -7.76 15.89
N CYS A 27 24.54 -6.62 15.26
CA CYS A 27 24.21 -6.38 13.88
C CYS A 27 25.46 -6.04 13.09
N THR A 28 25.49 -6.45 11.82
CA THR A 28 26.59 -6.15 10.92
C THR A 28 26.05 -5.53 9.64
N VAL A 29 26.93 -4.85 8.92
CA VAL A 29 26.60 -4.20 7.66
C VAL A 29 27.74 -4.44 6.68
N ASP A 30 27.43 -5.00 5.52
CA ASP A 30 28.45 -5.24 4.51
C ASP A 30 28.74 -3.96 3.72
N ILE A 31 30.00 -3.74 3.40
CA ILE A 31 30.41 -2.62 2.56
C ILE A 31 31.21 -3.15 1.38
N PRO A 32 31.02 -2.60 0.17
CA PRO A 32 30.06 -1.53 -0.11
C PRO A 32 28.61 -2.00 -0.11
N GLY A 33 27.71 -1.14 0.36
CA GLY A 33 26.30 -1.46 0.43
C GLY A 33 25.46 -0.21 0.37
N CYS A 34 24.15 -0.40 0.43
CA CYS A 34 23.20 0.70 0.41
C CYS A 34 22.27 0.61 1.60
N LEU A 35 21.63 1.74 1.93
CA LEU A 35 20.67 1.79 3.02
C LEU A 35 19.25 1.76 2.45
N LEU A 36 18.34 1.18 3.23
CA LEU A 36 16.93 1.22 2.85
C LEU A 36 16.42 2.65 2.89
N TYR A 37 15.82 3.09 1.79
CA TYR A 37 15.30 4.45 1.70
C TYR A 37 13.89 4.50 2.27
N THR A 38 13.64 5.50 3.13
CA THR A 38 12.33 5.66 3.75
C THR A 38 11.87 7.12 3.64
N ARG A 39 10.59 7.31 3.89
CA ARG A 39 9.96 8.62 3.90
C ARG A 39 8.95 8.63 5.05
N THR A 40 9.14 9.54 6.00
CA THR A 40 8.37 9.54 7.25
C THR A 40 8.41 8.15 7.88
N GLY A 41 9.62 7.61 7.98
CA GLY A 41 9.84 6.35 8.67
C GLY A 41 9.22 5.13 8.02
N SER A 42 8.91 5.20 6.73
CA SER A 42 8.33 4.08 6.02
C SER A 42 8.96 3.97 4.64
N ALA A 43 9.26 2.74 4.22
CA ALA A 43 9.67 2.52 2.85
C ALA A 43 8.52 2.94 1.94
N PRO A 44 8.79 3.71 0.87
CA PRO A 44 7.70 4.21 0.04
C PRO A 44 6.89 3.08 -0.60
N HIS A 45 5.57 3.20 -0.53
CA HIS A 45 4.58 2.28 -1.08
C HIS A 45 4.54 0.94 -0.35
N LEU A 46 5.40 0.71 0.63
CA LEU A 46 5.56 -0.62 1.23
C LEU A 46 5.35 -0.54 2.73
N THR A 47 4.33 -1.24 3.23
CA THR A 47 4.20 -1.45 4.66
C THR A 47 5.23 -2.46 5.14
N HIS A 48 5.32 -2.62 6.46
N HIS A 48 5.33 -2.62 6.46
CA HIS A 48 6.18 -3.64 7.05
CA HIS A 48 6.18 -3.66 7.03
C HIS A 48 5.82 -5.04 6.54
C HIS A 48 5.84 -5.02 6.45
N GLN A 49 4.58 -5.23 6.08
CA GLN A 49 4.16 -6.52 5.56
C GLN A 49 4.72 -6.77 4.16
N THR A 50 4.58 -5.79 3.25
CA THR A 50 5.15 -5.96 1.92
C THR A 50 6.67 -5.90 1.95
N LEU A 51 7.24 -5.15 2.89
CA LEU A 51 8.70 -5.06 2.98
C LEU A 51 9.32 -6.43 3.23
N ARG A 52 8.62 -7.30 3.96
CA ARG A 52 9.12 -8.65 4.18
C ARG A 52 9.12 -9.50 2.92
N ASN A 53 8.31 -9.14 1.92
CA ASN A 53 8.27 -9.88 0.66
C ASN A 53 9.49 -9.61 -0.23
N ILE A 54 10.45 -8.82 0.21
CA ILE A 54 11.60 -8.45 -0.61
C ILE A 54 12.84 -9.15 -0.06
N HIS A 55 13.60 -9.77 -0.95
CA HIS A 55 14.86 -10.40 -0.58
C HIS A 55 15.98 -9.38 -0.55
N GLY A 56 16.88 -9.53 0.42
CA GLY A 56 18.08 -8.71 0.46
C GLY A 56 17.87 -7.29 0.93
N VAL A 57 16.86 -7.05 1.76
CA VAL A 57 16.69 -5.71 2.32
C VAL A 57 17.87 -5.39 3.23
N PRO A 58 18.53 -4.23 3.06
CA PRO A 58 19.62 -3.88 3.96
C PRO A 58 19.20 -3.87 5.42
N GLY A 59 20.17 -4.14 6.30
CA GLY A 59 19.89 -4.14 7.73
C GLY A 59 19.86 -2.76 8.35
N ILE A 60 20.39 -1.75 7.67
CA ILE A 60 20.38 -0.37 8.16
C ILE A 60 19.51 0.45 7.21
N ALA A 61 18.57 1.18 7.77
CA ALA A 61 17.65 2.01 7.01
C ALA A 61 17.98 3.48 7.20
N GLN A 62 17.74 4.27 6.15
CA GLN A 62 17.98 5.71 6.20
C GLN A 62 16.70 6.43 6.60
N LEU A 63 16.80 7.30 7.60
CA LEU A 63 15.74 8.24 7.95
C LEU A 63 16.19 9.65 7.60
N THR A 64 15.22 10.52 7.35
CA THR A 64 15.52 11.91 7.03
C THR A 64 14.86 12.82 8.05
N LEU A 65 15.62 13.79 8.56
CA LEU A 65 15.05 14.78 9.46
C LEU A 65 13.98 15.62 8.76
N SER A 66 14.08 15.79 7.45
CA SER A 66 13.10 16.61 6.76
C SER A 66 11.71 15.98 6.77
N SER A 67 11.61 14.68 7.00
CA SER A 67 10.31 14.02 7.10
C SER A 67 9.88 13.76 8.54
N LEU A 68 10.79 13.85 9.51
CA LEU A 68 10.48 13.48 10.88
C LEU A 68 10.59 14.63 11.88
N ALA A 69 11.20 15.76 11.50
CA ALA A 69 11.41 16.84 12.46
C ALA A 69 10.08 17.39 12.98
N GLU A 70 9.06 17.47 12.14
CA GLU A 70 7.79 18.03 12.57
C GLU A 70 7.05 17.11 13.54
N HIS A 71 7.48 15.87 13.69
CA HIS A 71 6.91 14.94 14.67
C HIS A 71 7.76 14.86 15.93
N HIS A 72 8.46 15.95 16.26
CA HIS A 72 9.38 15.95 17.40
C HIS A 72 8.62 15.80 18.72
N GLU A 73 7.53 16.54 18.89
CA GLU A 73 6.78 16.49 20.14
C GLU A 73 6.15 15.12 20.35
N VAL A 74 5.68 14.48 19.28
CA VAL A 74 5.06 13.16 19.40
C VAL A 74 6.06 12.13 19.85
N LEU A 75 7.23 12.08 19.20
CA LEU A 75 8.24 11.10 19.55
C LEU A 75 8.85 11.37 20.91
N ALA A 76 8.92 12.64 21.32
CA ALA A 76 9.39 12.98 22.66
C ALA A 76 8.47 12.35 23.72
N GLU A 77 7.16 12.47 23.52
CA GLU A 77 6.22 11.84 24.44
C GLU A 77 6.28 10.32 24.35
N TYR A 78 6.67 9.79 23.18
CA TYR A 78 6.76 8.35 23.00
C TYR A 78 7.96 7.75 23.73
N LYS A 79 9.07 8.48 23.79
CA LYS A 79 10.23 8.15 24.61
C LYS A 79 11.00 6.90 24.17
N LYS A 80 10.34 5.98 23.47
CA LYS A 80 10.94 4.68 23.18
C LYS A 80 11.76 4.63 21.89
N GLY A 81 11.89 5.74 21.18
CA GLY A 81 12.71 5.79 19.99
C GLY A 81 11.90 5.66 18.71
N VAL A 82 12.53 6.05 17.59
CA VAL A 82 11.81 6.12 16.33
C VAL A 82 11.63 4.73 15.72
N GLY A 83 12.62 3.85 15.87
CA GLY A 83 12.50 2.52 15.30
C GLY A 83 11.33 1.75 15.86
N SER A 84 11.14 1.82 17.17
CA SER A 84 9.96 1.22 17.79
C SER A 84 8.69 1.97 17.41
N PHE A 85 8.78 3.29 17.22
CA PHE A 85 7.58 4.08 16.94
C PHE A 85 7.01 3.76 15.58
N ILE A 86 7.86 3.45 14.60
CA ILE A 86 7.41 3.22 13.23
C ILE A 86 7.24 1.73 12.97
N GLY A 87 7.33 0.93 14.04
CA GLY A 87 7.15 -0.50 13.91
C GLY A 87 8.29 -1.23 13.24
N MET A 88 9.50 -0.70 13.28
CA MET A 88 10.70 -1.39 12.77
C MET A 88 11.76 -1.47 13.86
N PRO A 89 11.45 -2.07 15.02
CA PRO A 89 12.43 -2.08 16.10
C PRO A 89 13.67 -2.90 15.80
N GLU A 90 13.60 -3.82 14.83
CA GLU A 90 14.71 -4.73 14.56
C GLU A 90 15.77 -4.11 13.64
N SER A 91 15.45 -3.04 12.93
CA SER A 91 16.36 -2.49 11.95
C SER A 91 17.31 -1.47 12.56
N LEU A 92 18.45 -1.28 11.90
CA LEU A 92 19.32 -0.16 12.20
C LEU A 92 18.82 1.10 11.51
N PHE A 93 19.15 2.26 12.08
CA PHE A 93 18.69 3.51 11.52
C PHE A 93 19.79 4.55 11.53
N TYR A 94 20.04 5.14 10.36
CA TYR A 94 20.89 6.30 10.19
C TYR A 94 19.99 7.45 9.77
N CYS A 95 19.91 8.48 10.60
CA CYS A 95 19.09 9.65 10.31
C CYS A 95 19.94 10.69 9.59
N SER A 96 19.59 10.98 8.34
CA SER A 96 20.26 12.05 7.61
C SER A 96 19.47 13.35 7.80
N LEU A 97 20.07 14.45 7.32
CA LEU A 97 19.46 15.76 7.52
C LEU A 97 18.35 16.02 6.51
N HIS A 98 18.67 15.92 5.22
CA HIS A 98 17.73 16.23 4.15
C HIS A 98 17.33 14.95 3.40
N ASP A 99 16.13 14.97 2.85
CA ASP A 99 15.74 13.95 1.90
C ASP A 99 16.46 14.21 0.57
N PRO A 100 16.96 13.15 -0.08
CA PRO A 100 17.72 13.36 -1.33
C PRO A 100 16.86 13.69 -2.54
N VAL A 101 15.55 13.44 -2.48
CA VAL A 101 14.67 13.64 -3.63
C VAL A 101 13.86 14.93 -3.49
N THR A 102 13.42 15.26 -2.27
CA THR A 102 12.65 16.46 -2.00
C THR A 102 13.32 17.22 -0.86
N PRO A 103 14.47 17.84 -1.11
CA PRO A 103 15.24 18.46 -0.02
C PRO A 103 14.70 19.81 0.42
N GLY A 104 14.02 20.52 -0.48
CA GLY A 104 13.54 21.85 -0.19
C GLY A 104 14.51 22.92 -0.64
N PRO A 105 14.11 24.18 -0.52
CA PRO A 105 14.93 25.27 -1.05
C PRO A 105 16.17 25.52 -0.20
N ALA A 106 17.15 26.18 -0.82
CA ALA A 106 18.38 26.55 -0.16
C ALA A 106 18.26 27.97 0.39
N GLY A 107 19.29 28.42 1.11
CA GLY A 107 19.32 29.76 1.65
C GLY A 107 18.76 29.91 3.05
N TYR A 108 18.65 28.81 3.80
CA TYR A 108 18.18 28.86 5.18
C TYR A 108 19.25 28.37 6.15
N VAL A 109 20.50 28.40 5.74
CA VAL A 109 21.63 27.96 6.56
C VAL A 109 22.36 29.19 7.06
N THR A 110 22.43 29.34 8.37
CA THR A 110 23.27 30.33 9.02
C THR A 110 24.21 29.61 9.98
N SER A 111 25.05 30.37 10.66
CA SER A 111 25.87 29.79 11.72
C SER A 111 25.08 29.57 13.01
N LYS A 112 23.78 29.85 13.00
CA LYS A 112 22.93 29.65 14.17
C LYS A 112 21.85 28.61 13.98
N SER A 113 21.44 28.31 12.75
CA SER A 113 20.37 27.35 12.55
C SER A 113 20.37 26.84 11.11
N VAL A 114 19.84 25.63 10.95
CA VAL A 114 19.58 25.02 9.65
C VAL A 114 18.13 24.62 9.62
N SER A 115 17.51 24.74 8.44
CA SER A 115 16.11 24.41 8.26
C SER A 115 15.95 23.17 7.41
N VAL A 116 14.95 22.35 7.74
CA VAL A 116 14.52 21.24 6.90
C VAL A 116 13.06 21.47 6.54
N TRP A 117 12.55 20.67 5.62
CA TRP A 117 11.24 20.89 5.03
C TRP A 117 10.46 19.59 5.01
N GLY A 118 9.27 19.61 5.64
CA GLY A 118 8.41 18.45 5.68
C GLY A 118 7.01 18.77 5.18
N PHE A 119 6.16 17.74 5.23
CA PHE A 119 4.78 17.87 4.76
C PHE A 119 4.08 19.05 5.43
N GLY A 120 4.36 19.28 6.71
CA GLY A 120 3.72 20.36 7.43
C GLY A 120 4.32 21.73 7.19
N GLY A 121 5.56 21.79 6.71
CA GLY A 121 6.21 23.05 6.43
C GLY A 121 7.66 23.01 6.86
N ARG A 122 8.22 24.20 7.07
CA ARG A 122 9.62 24.33 7.42
C ARG A 122 9.83 24.16 8.92
N VAL A 123 10.92 23.50 9.29
CA VAL A 123 11.32 23.32 10.68
C VAL A 123 12.71 23.91 10.83
N GLU A 124 12.84 24.92 11.69
CA GLU A 124 14.13 25.56 11.94
C GLU A 124 14.78 24.94 13.17
N MET A 125 16.03 24.51 13.02
CA MET A 125 16.74 23.78 14.07
C MET A 125 18.06 24.47 14.38
N THR A 126 18.19 24.99 15.59
CA THR A 126 19.51 25.30 16.13
C THR A 126 20.19 24.01 16.54
N VAL A 127 21.44 24.11 16.97
CA VAL A 127 22.15 22.91 17.44
C VAL A 127 21.45 22.32 18.66
N SER A 128 20.93 23.18 19.54
CA SER A 128 20.12 22.68 20.65
C SER A 128 18.89 21.94 20.16
N LYS A 129 18.12 22.57 19.27
CA LYS A 129 16.91 21.93 18.77
C LYS A 129 17.23 20.65 18.01
N PHE A 130 18.34 20.64 17.27
CA PHE A 130 18.72 19.46 16.50
C PHE A 130 19.00 18.27 17.42
N MET A 131 19.82 18.49 18.45
CA MET A 131 20.13 17.41 19.38
C MET A 131 18.92 17.01 20.22
N ALA A 132 18.00 17.94 20.46
CA ALA A 132 16.76 17.58 21.15
C ALA A 132 15.90 16.65 20.29
N ILE A 133 15.97 16.81 18.96
CA ILE A 133 15.19 15.94 18.07
C ILE A 133 15.85 14.56 17.97
N GLN A 134 17.19 14.52 17.89
CA GLN A 134 17.87 13.23 17.86
C GLN A 134 17.66 12.46 19.16
N GLU A 135 17.47 13.17 20.27
CA GLU A 135 17.20 12.51 21.54
C GLU A 135 15.87 11.77 21.51
N ALA A 136 14.88 12.34 20.84
CA ALA A 136 13.58 11.68 20.74
C ALA A 136 13.62 10.55 19.71
N LEU A 137 14.37 10.74 18.62
CA LEU A 137 14.46 9.70 17.59
C LEU A 137 15.27 8.50 18.08
N GLN A 138 16.35 8.75 18.81
CA GLN A 138 17.29 7.72 19.22
C GLN A 138 17.73 6.85 18.04
N PRO A 139 18.30 7.44 17.00
CA PRO A 139 18.79 6.63 15.88
C PRO A 139 20.13 6.01 16.23
N ASP A 140 20.45 4.92 15.53
CA ASP A 140 21.77 4.31 15.71
C ASP A 140 22.86 5.27 15.27
N TRP A 141 22.78 5.77 14.03
CA TRP A 141 23.65 6.81 13.54
C TRP A 141 22.80 8.03 13.17
N PHE A 142 23.44 9.20 13.18
CA PHE A 142 22.76 10.37 12.64
C PHE A 142 23.79 11.35 12.09
N GLN A 143 23.48 11.89 10.91
CA GLN A 143 24.29 12.95 10.34
C GLN A 143 24.29 14.15 11.26
N CYS A 144 25.48 14.65 11.58
CA CYS A 144 25.58 15.88 12.35
C CYS A 144 25.06 17.05 11.53
N LEU A 145 24.47 18.02 12.24
CA LEU A 145 24.02 19.24 11.58
C LEU A 145 25.18 19.89 10.84
N SER A 146 24.95 20.26 9.58
CA SER A 146 26.05 20.69 8.73
C SER A 146 25.55 21.70 7.70
N ASP A 147 26.50 22.38 7.08
CA ASP A 147 26.25 23.38 6.03
C ASP A 147 26.76 22.80 4.71
N GLY A 148 25.83 22.38 3.86
CA GLY A 148 26.22 21.80 2.59
C GLY A 148 25.73 22.58 1.40
N GLU A 149 25.37 23.84 1.61
CA GLU A 149 24.82 24.67 0.54
C GLU A 149 25.87 25.50 -0.17
N ALA A 150 27.15 25.33 0.16
CA ALA A 150 28.20 25.86 -0.70
C ALA A 150 28.29 25.05 -1.99
N SER A 151 27.95 23.76 -1.94
CA SER A 151 27.89 22.89 -3.10
C SER A 151 26.53 23.09 -3.76
N CYS A 152 26.47 24.00 -4.74
CA CYS A 152 25.24 24.25 -5.47
C CYS A 152 25.57 24.54 -6.93
N ALA A 153 24.54 24.50 -7.76
CA ALA A 153 24.74 24.70 -9.20
C ALA A 153 25.16 26.12 -9.53
N GLU A 154 24.74 27.09 -8.72
CA GLU A 154 25.05 28.49 -9.02
C GLU A 154 26.51 28.78 -8.70
N THR A 155 27.01 29.87 -9.29
CA THR A 155 28.39 30.30 -9.12
C THR A 155 28.71 30.54 -7.64
N THR A 156 29.39 29.58 -7.02
CA THR A 156 29.72 29.64 -5.60
C THR A 156 31.11 30.24 -5.41
N SER A 157 31.29 30.92 -4.27
CA SER A 157 32.53 31.64 -3.99
C SER A 157 33.46 30.81 -3.10
N ILE A 158 34.74 31.21 -3.10
CA ILE A 158 35.71 30.55 -2.23
C ILE A 158 35.42 30.84 -0.77
N LYS A 159 35.06 32.08 -0.45
CA LYS A 159 34.71 32.43 0.92
C LYS A 159 33.53 31.61 1.41
N ARG A 160 32.57 31.33 0.52
CA ARG A 160 31.41 30.52 0.90
C ARG A 160 31.80 29.08 1.15
N ALA A 161 32.72 28.54 0.33
CA ALA A 161 33.21 27.19 0.58
C ALA A 161 34.00 27.12 1.88
N ARG A 162 34.80 28.15 2.16
CA ARG A 162 35.53 28.19 3.42
C ARG A 162 34.56 28.31 4.60
N LYS A 163 33.46 29.03 4.43
CA LYS A 163 32.48 29.17 5.51
C LYS A 163 31.84 27.83 5.84
N SER A 164 31.48 27.05 4.81
CA SER A 164 30.81 25.78 5.06
C SER A 164 31.68 24.85 5.90
N VAL A 165 33.00 24.92 5.75
CA VAL A 165 33.89 24.11 6.56
C VAL A 165 33.87 24.59 8.01
N ASP A 166 34.03 25.89 8.23
CA ASP A 166 34.05 26.43 9.58
C ASP A 166 32.71 26.27 10.27
N ARG A 167 31.63 26.51 9.54
CA ARG A 167 30.29 26.41 10.12
C ARG A 167 29.97 24.97 10.52
N SER A 168 30.27 24.01 9.63
CA SER A 168 29.99 22.61 9.94
C SER A 168 30.86 22.11 11.10
N LEU A 169 32.10 22.60 11.21
CA LEU A 169 32.95 22.22 12.34
C LEU A 169 32.42 22.82 13.64
N LEU A 170 32.03 24.10 13.62
CA LEU A 170 31.40 24.69 14.79
C LEU A 170 30.14 23.91 15.18
N PHE A 171 29.35 23.50 14.19
CA PHE A 171 28.20 22.64 14.47
C PHE A 171 28.64 21.30 15.06
N LEU A 172 29.71 20.72 14.52
CA LEU A 172 30.16 19.41 14.98
C LEU A 172 30.62 19.48 16.43
N ASP A 173 31.45 20.47 16.77
CA ASP A 173 31.93 20.59 18.14
C ASP A 173 30.79 20.91 19.10
N SER A 174 29.78 21.67 18.66
CA SER A 174 28.63 21.95 19.51
C SER A 174 27.83 20.68 19.80
N CYS A 175 27.60 19.86 18.77
CA CYS A 175 26.84 18.63 18.96
C CYS A 175 27.59 17.65 19.86
N LEU A 176 28.91 17.58 19.74
CA LEU A 176 29.68 16.68 20.57
C LEU A 176 29.60 17.08 22.04
N ARG A 177 29.63 18.39 22.33
CA ARG A 177 29.48 18.83 23.71
C ARG A 177 28.10 18.50 24.25
N LEU A 178 27.07 18.61 23.41
CA LEU A 178 25.72 18.29 23.85
C LEU A 178 25.53 16.78 24.00
N GLN A 179 26.18 15.99 23.15
CA GLN A 179 26.03 14.54 23.22
C GLN A 179 26.51 13.99 24.56
N GLU A 180 27.71 14.40 24.99
CA GLU A 180 28.27 13.93 26.25
C GLU A 180 27.50 14.43 27.46
N GLU A 181 26.49 15.26 27.28
CA GLU A 181 25.67 15.74 28.39
C GLU A 181 24.31 15.05 28.46
N SER A 182 24.12 13.95 27.72
CA SER A 182 22.87 13.22 27.74
C SER A 182 23.15 11.73 27.76
N GLU A 183 22.47 11.01 28.65
CA GLU A 183 22.60 9.56 28.69
C GLU A 183 22.09 8.92 27.40
N VAL A 184 20.91 9.34 26.94
CA VAL A 184 20.31 8.76 25.74
C VAL A 184 21.19 9.01 24.53
N LEU A 185 21.57 10.27 24.31
CA LEU A 185 22.26 10.66 23.09
C LEU A 185 23.62 9.97 22.92
N GLN A 186 24.24 9.55 24.02
CA GLN A 186 25.54 8.89 23.92
C GLN A 186 25.44 7.50 23.29
N LYS A 187 24.26 6.87 23.35
CA LYS A 187 24.08 5.59 22.69
C LYS A 187 24.12 5.72 21.17
N SER A 188 23.88 6.91 20.64
CA SER A 188 23.90 7.14 19.21
C SER A 188 25.31 7.52 18.75
N VAL A 189 25.54 7.37 17.44
CA VAL A 189 26.83 7.63 16.83
C VAL A 189 26.70 8.83 15.91
N ILE A 190 27.59 9.81 16.09
CA ILE A 190 27.60 11.01 15.27
C ILE A 190 28.44 10.75 14.04
N ILE A 191 27.98 11.25 12.90
CA ILE A 191 28.70 11.15 11.63
C ILE A 191 29.15 12.55 11.24
N GLY A 192 30.46 12.74 11.14
CA GLY A 192 30.98 14.00 10.63
C GLY A 192 30.63 14.19 9.17
N VAL A 193 30.50 15.45 8.76
CA VAL A 193 30.11 15.78 7.40
C VAL A 193 31.23 16.59 6.76
N ILE A 194 31.80 16.06 5.67
CA ILE A 194 32.85 16.72 4.93
C ILE A 194 32.21 17.70 3.96
N GLU A 195 32.49 18.99 4.13
CA GLU A 195 31.98 20.03 3.25
C GLU A 195 33.15 20.65 2.47
N GLY A 196 33.01 21.90 2.07
CA GLY A 196 34.05 22.60 1.33
C GLY A 196 33.68 22.98 -0.08
N GLY A 197 32.47 22.67 -0.53
CA GLY A 197 32.04 23.05 -1.86
C GLY A 197 32.92 22.43 -2.93
N ASP A 198 33.21 23.20 -3.97
CA ASP A 198 34.06 22.76 -5.06
C ASP A 198 35.47 23.35 -4.98
N VAL A 199 35.92 23.72 -3.78
CA VAL A 199 37.24 24.28 -3.57
C VAL A 199 38.12 23.22 -2.93
N MET A 200 39.21 22.86 -3.62
CA MET A 200 40.03 21.73 -3.21
C MET A 200 40.65 21.94 -1.84
N GLU A 201 41.21 23.13 -1.61
CA GLU A 201 41.85 23.41 -0.32
C GLU A 201 40.85 23.29 0.83
N GLU A 202 39.62 23.75 0.62
CA GLU A 202 38.62 23.66 1.68
C GLU A 202 38.11 22.23 1.85
N ARG A 203 37.96 21.49 0.75
CA ARG A 203 37.59 20.08 0.84
C ARG A 203 38.61 19.30 1.68
N LEU A 204 39.90 19.49 1.39
CA LEU A 204 40.94 18.77 2.13
C LEU A 204 41.00 19.23 3.58
N ARG A 205 40.77 20.52 3.82
CA ARG A 205 40.79 21.02 5.18
C ARG A 205 39.61 20.49 5.98
N SER A 206 38.45 20.37 5.35
CA SER A 206 37.29 19.80 6.03
C SER A 206 37.53 18.33 6.37
N ALA A 207 38.18 17.59 5.48
CA ALA A 207 38.42 16.17 5.72
C ALA A 207 39.41 15.96 6.85
N ARG A 208 40.47 16.79 6.92
CA ARG A 208 41.45 16.63 7.98
C ARG A 208 40.91 17.08 9.32
N GLU A 209 40.21 18.22 9.35
CA GLU A 209 39.72 18.74 10.63
C GLU A 209 38.61 17.88 11.21
N THR A 210 37.72 17.37 10.35
CA THR A 210 36.63 16.52 10.86
C THR A 210 37.17 15.19 11.35
N ALA A 211 38.16 14.62 10.66
CA ALA A 211 38.77 13.37 11.08
C ALA A 211 39.44 13.49 12.44
N LYS A 212 39.82 14.69 12.86
CA LYS A 212 40.38 14.89 14.19
C LYS A 212 39.35 14.66 15.29
N ARG A 213 38.03 14.77 14.97
CA ARG A 213 36.98 14.56 15.95
C ARG A 213 36.67 13.07 16.12
N PRO A 214 36.18 12.66 17.31
CA PRO A 214 35.89 11.25 17.57
C PRO A 214 34.57 10.78 16.97
N VAL A 215 34.32 11.19 15.71
CA VAL A 215 33.11 10.74 15.02
C VAL A 215 33.25 9.27 14.64
N GLY A 216 32.11 8.61 14.49
CA GLY A 216 32.09 7.22 14.10
C GLY A 216 32.12 6.94 12.62
N GLY A 217 32.08 7.99 11.81
CA GLY A 217 32.08 7.83 10.37
C GLY A 217 32.03 9.19 9.71
N PHE A 218 31.96 9.18 8.38
CA PHE A 218 32.01 10.42 7.62
C PHE A 218 30.95 10.41 6.53
N LEU A 219 30.27 11.54 6.38
CA LEU A 219 29.33 11.76 5.29
C LEU A 219 29.98 12.68 4.28
N LEU A 220 30.04 12.23 3.03
CA LEU A 220 30.59 13.03 1.94
C LEU A 220 29.44 13.79 1.30
N ASP A 221 29.36 15.09 1.61
CA ASP A 221 28.23 15.92 1.23
C ASP A 221 28.63 16.86 0.10
N GLY A 222 27.70 17.06 -0.83
CA GLY A 222 27.91 18.02 -1.90
C GLY A 222 28.48 17.49 -3.18
N PHE A 223 28.37 16.19 -3.44
CA PHE A 223 28.92 15.59 -4.64
C PHE A 223 27.83 15.15 -5.63
N GLN A 224 26.58 15.52 -5.36
CA GLN A 224 25.50 15.17 -6.29
C GLN A 224 25.75 15.80 -7.66
N GLY A 225 25.25 15.14 -8.69
CA GLY A 225 25.41 15.65 -10.03
C GLY A 225 24.25 15.34 -10.95
N ASP A 226 23.80 16.33 -11.72
CA ASP A 226 22.80 16.14 -12.74
C ASP A 226 23.49 16.20 -14.10
N PRO A 227 23.47 15.13 -14.91
CA PRO A 227 22.82 13.83 -14.68
C PRO A 227 23.57 12.88 -13.74
N ALA A 228 24.84 13.14 -13.49
CA ALA A 228 25.62 12.31 -12.57
C ALA A 228 26.78 13.13 -12.05
N VAL A 229 27.56 12.52 -11.14
CA VAL A 229 28.70 13.19 -10.54
C VAL A 229 29.67 13.63 -11.64
N THR A 230 30.03 14.91 -11.62
CA THR A 230 30.92 15.46 -12.64
C THR A 230 32.34 14.96 -12.43
N GLU A 231 33.15 15.09 -13.49
CA GLU A 231 34.55 14.70 -13.39
C GLU A 231 35.29 15.56 -12.37
N THR A 232 34.91 16.84 -12.25
CA THR A 232 35.54 17.72 -11.28
C THR A 232 35.26 17.25 -9.85
N ARG A 233 34.01 16.90 -9.57
CA ARG A 233 33.66 16.44 -8.23
C ARG A 233 34.09 15.01 -7.98
N LEU A 234 34.23 14.20 -9.02
CA LEU A 234 34.80 12.86 -8.85
C LEU A 234 36.25 12.95 -8.38
N HIS A 235 37.02 13.89 -8.92
CA HIS A 235 38.39 14.07 -8.47
C HIS A 235 38.45 14.64 -7.06
N LEU A 236 37.54 15.58 -6.74
CA LEU A 236 37.45 16.10 -5.38
C LEU A 236 37.18 14.97 -4.39
N LEU A 237 36.28 14.05 -4.75
CA LEU A 237 35.95 12.95 -3.87
C LEU A 237 37.18 12.08 -3.56
N SER A 238 38.02 11.85 -4.57
CA SER A 238 39.23 11.07 -4.36
C SER A 238 40.14 11.72 -3.33
N SER A 239 40.41 13.02 -3.50
CA SER A 239 41.32 13.72 -2.60
C SER A 239 40.80 13.73 -1.17
N VAL A 240 39.49 13.76 -0.99
CA VAL A 240 38.92 13.78 0.36
C VAL A 240 39.14 12.43 1.04
N THR A 241 38.68 11.34 0.41
CA THR A 241 38.79 10.03 1.02
C THR A 241 40.24 9.62 1.28
N ALA A 242 41.20 10.19 0.55
CA ALA A 242 42.59 9.91 0.83
C ALA A 242 43.05 10.48 2.17
N GLU A 243 42.28 11.40 2.75
CA GLU A 243 42.64 12.03 4.01
C GLU A 243 41.92 11.42 5.21
N LEU A 244 41.03 10.43 4.99
CA LEU A 244 40.19 9.83 6.01
C LEU A 244 40.76 8.51 6.49
N PRO A 245 40.49 8.12 7.74
CA PRO A 245 40.96 6.81 8.22
C PRO A 245 40.30 5.69 7.43
N GLU A 246 41.03 4.58 7.30
CA GLU A 246 40.46 3.40 6.65
C GLU A 246 39.51 2.64 7.57
N ASP A 247 39.57 2.89 8.87
CA ASP A 247 38.83 2.11 9.86
C ASP A 247 37.43 2.65 10.14
N LYS A 248 36.98 3.66 9.40
CA LYS A 248 35.67 4.25 9.61
C LYS A 248 34.88 4.28 8.32
N PRO A 249 33.56 4.12 8.40
CA PRO A 249 32.75 4.07 7.19
C PRO A 249 32.67 5.42 6.48
N ARG A 250 32.47 5.37 5.16
CA ARG A 250 32.29 6.54 4.34
C ARG A 250 30.91 6.48 3.70
N LEU A 251 30.07 7.45 4.01
CA LEU A 251 28.73 7.56 3.45
C LEU A 251 28.69 8.68 2.42
N ILE A 252 27.79 8.57 1.46
CA ILE A 252 27.58 9.62 0.46
C ILE A 252 26.09 9.79 0.23
N CYS A 253 25.68 11.03 0.00
CA CYS A 253 24.29 11.38 -0.20
C CYS A 253 24.07 11.90 -1.62
N GLY A 254 22.91 11.58 -2.18
CA GLY A 254 22.56 12.02 -3.51
C GLY A 254 23.22 11.28 -4.64
N VAL A 255 23.83 10.12 -4.38
CA VAL A 255 24.52 9.33 -5.39
C VAL A 255 23.97 7.92 -5.30
N SER A 256 23.02 7.60 -6.18
CA SER A 256 22.34 6.31 -6.12
C SER A 256 22.25 5.60 -7.46
N ARG A 257 22.52 6.27 -8.58
CA ARG A 257 22.43 5.61 -9.88
C ARG A 257 23.59 4.63 -10.03
N PRO A 258 23.36 3.46 -10.63
CA PRO A 258 24.39 2.41 -10.64
C PRO A 258 25.73 2.83 -11.22
N ASP A 259 25.75 3.71 -12.23
CA ASP A 259 27.02 4.09 -12.83
C ASP A 259 27.87 4.90 -11.85
N GLU A 260 27.27 5.89 -11.20
CA GLU A 260 28.02 6.72 -10.25
C GLU A 260 28.28 6.02 -8.94
N VAL A 261 27.49 5.01 -8.58
CA VAL A 261 27.81 4.19 -7.41
C VAL A 261 29.14 3.49 -7.61
N LEU A 262 29.30 2.81 -8.74
CA LEU A 262 30.57 2.15 -9.04
C LEU A 262 31.70 3.15 -9.11
N GLU A 263 31.43 4.36 -9.61
CA GLU A 263 32.47 5.38 -9.68
C GLU A 263 32.91 5.81 -8.28
N CYS A 264 31.97 5.90 -7.34
CA CYS A 264 32.32 6.35 -6.00
C CYS A 264 32.91 5.22 -5.15
N ILE A 265 32.55 3.97 -5.43
CA ILE A 265 33.19 2.86 -4.74
C ILE A 265 34.69 2.84 -5.06
N GLU A 266 35.04 3.16 -6.30
CA GLU A 266 36.45 3.25 -6.67
C GLU A 266 37.18 4.34 -5.88
N ARG A 267 36.46 5.37 -5.47
CA ARG A 267 37.04 6.45 -4.67
C ARG A 267 37.04 6.15 -3.18
N GLY A 268 36.59 4.98 -2.77
CA GLY A 268 36.61 4.61 -1.36
C GLY A 268 35.37 4.95 -0.59
N VAL A 269 34.20 5.03 -1.24
CA VAL A 269 32.94 5.29 -0.57
C VAL A 269 32.25 3.96 -0.29
N ASP A 270 31.73 3.80 0.93
CA ASP A 270 31.19 2.54 1.41
C ASP A 270 29.67 2.44 1.26
N LEU A 271 28.94 3.43 1.75
CA LEU A 271 27.49 3.32 1.93
C LEU A 271 26.75 4.35 1.10
N PHE A 272 25.66 3.93 0.47
CA PHE A 272 24.92 4.74 -0.48
C PHE A 272 23.44 4.73 -0.12
N GLU A 273 22.73 5.77 -0.54
CA GLU A 273 21.28 5.81 -0.43
C GLU A 273 20.66 5.04 -1.58
N SER A 274 19.45 4.52 -1.35
CA SER A 274 18.75 3.72 -2.34
C SER A 274 17.53 4.44 -2.90
N PHE A 275 17.63 5.75 -3.10
CA PHE A 275 16.48 6.51 -3.61
C PHE A 275 16.31 6.39 -5.12
N PHE A 276 17.31 5.87 -5.84
CA PHE A 276 17.16 5.70 -7.29
C PHE A 276 16.05 4.73 -7.66
N PRO A 277 15.93 3.53 -7.07
CA PRO A 277 14.76 2.69 -7.39
C PRO A 277 13.44 3.36 -7.04
N TYR A 278 13.41 4.23 -6.03
CA TYR A 278 12.20 4.99 -5.75
C TYR A 278 11.85 5.92 -6.90
N GLN A 279 12.84 6.62 -7.45
CA GLN A 279 12.59 7.52 -8.58
C GLN A 279 12.11 6.74 -9.80
N VAL A 280 12.69 5.56 -10.05
CA VAL A 280 12.24 4.74 -11.17
C VAL A 280 10.78 4.36 -11.01
N THR A 281 10.36 4.03 -9.78
CA THR A 281 8.97 3.67 -9.53
C THR A 281 8.03 4.84 -9.78
N GLU A 282 8.41 6.04 -9.34
CA GLU A 282 7.51 7.18 -9.40
C GLU A 282 7.16 7.57 -10.83
N ARG A 283 8.01 7.23 -11.81
CA ARG A 283 7.70 7.49 -13.21
C ARG A 283 7.14 6.24 -13.91
N GLY A 284 6.65 5.27 -13.14
CA GLY A 284 6.06 4.08 -13.73
C GLY A 284 7.02 3.23 -14.52
N CYS A 285 8.25 3.07 -14.05
CA CYS A 285 9.26 2.31 -14.75
C CYS A 285 9.78 1.18 -13.87
N ALA A 286 10.44 0.22 -14.51
CA ALA A 286 11.01 -0.94 -13.83
C ALA A 286 12.43 -1.14 -14.30
N LEU A 287 13.36 -1.27 -13.35
CA LEU A 287 14.75 -1.51 -13.69
C LEU A 287 14.91 -2.86 -14.37
N THR A 288 15.57 -2.87 -15.53
CA THR A 288 15.81 -4.11 -16.27
C THR A 288 17.29 -4.32 -16.59
N PHE A 289 18.18 -3.46 -16.10
CA PHE A 289 19.58 -3.61 -16.42
C PHE A 289 20.16 -4.87 -15.78
N THR A 290 20.98 -5.58 -16.54
CA THR A 290 21.57 -6.82 -16.08
C THR A 290 22.90 -6.56 -15.37
N PHE A 291 23.18 -7.39 -14.37
CA PHE A 291 24.44 -7.30 -13.62
C PHE A 291 25.07 -8.66 -13.39
N ASP A 292 24.76 -9.65 -14.23
CA ASP A 292 25.34 -10.99 -14.13
C ASP A 292 26.65 -11.02 -14.92
N CYS A 293 27.76 -11.28 -14.22
CA CYS A 293 29.09 -11.28 -14.80
C CYS A 293 29.69 -12.68 -14.91
N GLN A 294 28.87 -13.65 -15.30
CA GLN A 294 29.34 -15.02 -15.47
C GLN A 294 28.39 -15.84 -16.33
N LEU A 295 28.52 -15.71 -17.64
CA LEU A 295 27.61 -16.39 -18.57
C LEU A 295 28.37 -17.06 -19.70
N GLU A 328 13.77 11.85 -18.59
CA GLU A 328 14.00 11.59 -17.17
C GLU A 328 14.33 10.12 -16.92
N MET A 329 13.91 9.27 -17.85
CA MET A 329 14.09 7.84 -17.74
C MET A 329 15.42 7.42 -18.35
N THR A 330 16.10 6.48 -17.68
CA THR A 330 17.41 6.00 -18.12
C THR A 330 17.27 4.70 -18.92
N SER A 331 18.40 4.23 -19.45
CA SER A 331 18.44 3.00 -20.21
C SER A 331 18.41 1.76 -19.34
N PHE A 332 18.61 1.90 -18.03
CA PHE A 332 18.53 0.78 -17.10
C PHE A 332 17.12 0.26 -16.89
N GLU A 333 16.12 0.87 -17.52
CA GLU A 333 14.73 0.63 -17.16
C GLU A 333 13.86 0.59 -18.41
N ILE A 334 12.63 0.10 -18.22
CA ILE A 334 11.57 0.17 -19.22
C ILE A 334 10.40 0.94 -18.63
N ASN A 335 9.70 1.67 -19.48
CA ASN A 335 8.51 2.43 -19.07
C ASN A 335 7.29 1.58 -19.38
N LEU A 336 6.58 1.15 -18.33
CA LEU A 336 5.44 0.27 -18.52
C LEU A 336 4.15 0.99 -18.86
N LYS A 337 4.18 2.32 -18.99
CA LYS A 337 3.04 3.03 -19.56
C LYS A 337 3.00 2.92 -21.08
N GLU A 338 4.04 2.39 -21.70
CA GLU A 338 4.09 2.27 -23.15
C GLU A 338 3.15 1.18 -23.64
N LYS A 339 2.55 1.41 -24.81
CA LYS A 339 1.51 0.51 -25.32
C LYS A 339 2.03 -0.86 -25.69
N LYS A 340 3.36 -1.02 -25.83
CA LYS A 340 3.89 -2.32 -26.24
C LYS A 340 3.75 -3.38 -25.16
N TYR A 341 3.49 -2.99 -23.92
CA TYR A 341 3.31 -3.93 -22.82
C TYR A 341 1.86 -4.21 -22.51
N GLN A 342 0.92 -3.68 -23.31
CA GLN A 342 -0.49 -3.89 -23.03
C GLN A 342 -0.88 -5.36 -23.14
N GLU A 343 -0.16 -6.13 -23.97
CA GLU A 343 -0.41 -7.56 -24.10
C GLU A 343 0.80 -8.39 -23.70
N ASP A 344 1.85 -7.77 -23.17
CA ASP A 344 3.06 -8.49 -22.78
C ASP A 344 2.80 -9.20 -21.46
N PHE A 345 2.72 -10.52 -21.50
CA PHE A 345 2.45 -11.34 -20.32
C PHE A 345 3.73 -11.90 -19.69
N ASP A 346 4.90 -11.40 -20.09
CA ASP A 346 6.12 -11.78 -19.41
C ASP A 346 6.26 -11.01 -18.09
N PRO A 347 7.11 -11.48 -17.18
CA PRO A 347 7.41 -10.68 -15.98
C PRO A 347 8.26 -9.48 -16.34
N LEU A 348 8.44 -8.59 -15.35
CA LEU A 348 9.31 -7.44 -15.54
C LEU A 348 10.71 -7.89 -15.94
N VAL A 349 11.26 -8.88 -15.23
CA VAL A 349 12.59 -9.41 -15.50
C VAL A 349 12.52 -10.92 -15.34
N ARG A 350 12.80 -11.65 -16.42
CA ARG A 350 12.82 -13.10 -16.35
C ARG A 350 13.89 -13.57 -15.36
N GLY A 351 13.51 -14.49 -14.48
CA GLY A 351 14.41 -14.99 -13.48
C GLY A 351 14.47 -14.18 -12.19
N CYS A 352 13.85 -13.00 -12.16
CA CYS A 352 13.78 -12.25 -10.93
C CYS A 352 12.92 -12.99 -9.92
N SER A 353 13.36 -12.99 -8.67
CA SER A 353 12.69 -13.73 -7.60
C SER A 353 11.81 -12.85 -6.73
N CYS A 354 11.56 -11.61 -7.15
CA CYS A 354 10.74 -10.70 -6.36
C CYS A 354 9.26 -11.06 -6.47
N TYR A 355 8.44 -10.47 -5.60
CA TYR A 355 7.03 -10.80 -5.56
C TYR A 355 6.32 -10.44 -6.86
N CYS A 356 6.68 -9.29 -7.46
CA CYS A 356 5.99 -8.85 -8.67
C CYS A 356 6.31 -9.76 -9.85
N CYS A 357 7.57 -10.16 -10.01
CA CYS A 357 7.96 -10.96 -11.17
C CYS A 357 7.56 -12.42 -11.04
N LYS A 358 7.35 -12.92 -9.83
CA LYS A 358 6.89 -14.29 -9.64
C LYS A 358 5.38 -14.42 -9.70
N ASN A 359 4.63 -13.32 -9.68
CA ASN A 359 3.18 -13.38 -9.57
C ASN A 359 2.42 -12.51 -10.55
N HIS A 360 3.07 -11.58 -11.25
CA HIS A 360 2.36 -10.67 -12.13
C HIS A 360 3.14 -10.45 -13.42
N THR A 361 2.46 -9.83 -14.38
CA THR A 361 2.97 -9.66 -15.74
C THR A 361 3.11 -8.18 -16.05
N ARG A 362 3.84 -7.90 -17.13
CA ARG A 362 3.95 -6.52 -17.62
C ARG A 362 2.58 -5.95 -17.98
N ALA A 363 1.72 -6.78 -18.58
CA ALA A 363 0.39 -6.32 -18.96
C ALA A 363 -0.42 -5.88 -17.74
N TYR A 364 -0.30 -6.61 -16.63
CA TYR A 364 -0.99 -6.20 -15.41
C TYR A 364 -0.41 -4.91 -14.85
N ILE A 365 0.92 -4.76 -14.87
CA ILE A 365 1.53 -3.51 -14.41
C ILE A 365 1.14 -2.36 -15.32
N HIS A 366 1.14 -2.60 -16.63
CA HIS A 366 0.70 -1.56 -17.57
C HIS A 366 -0.74 -1.15 -17.31
N HIS A 367 -1.61 -2.13 -17.03
CA HIS A 367 -3.01 -1.83 -16.76
C HIS A 367 -3.17 -1.00 -15.49
N LEU A 368 -2.43 -1.35 -14.44
CA LEU A 368 -2.54 -0.60 -13.19
C LEU A 368 -2.09 0.84 -13.36
N LEU A 369 -1.14 1.10 -14.26
CA LEU A 369 -0.67 2.46 -14.47
C LEU A 369 -1.68 3.28 -15.26
N MET A 370 -2.36 2.66 -16.23
CA MET A 370 -3.34 3.38 -17.03
C MET A 370 -4.56 3.76 -16.18
N THR A 371 -4.97 2.88 -15.27
CA THR A 371 -6.11 3.14 -14.41
C THR A 371 -5.71 3.80 -13.09
N ASN A 372 -4.47 4.29 -12.98
CA ASN A 372 -4.00 5.09 -11.85
C ASN A 372 -4.26 4.39 -10.52
N GLU A 373 -3.89 3.11 -10.45
CA GLU A 373 -4.08 2.32 -9.25
C GLU A 373 -2.79 2.24 -8.45
N LEU A 374 -2.93 2.29 -7.12
CA LEU A 374 -1.76 2.34 -6.25
C LEU A 374 -1.00 1.03 -6.20
N LEU A 375 -1.62 -0.08 -6.61
CA LEU A 375 -0.89 -1.35 -6.62
C LEU A 375 0.28 -1.30 -7.60
N ALA A 376 0.21 -0.43 -8.61
CA ALA A 376 1.34 -0.25 -9.52
C ALA A 376 2.57 0.24 -8.78
N GLY A 377 2.40 1.28 -7.96
CA GLY A 377 3.51 1.76 -7.15
C GLY A 377 4.03 0.70 -6.19
N VAL A 378 3.15 -0.15 -5.67
CA VAL A 378 3.57 -1.18 -4.74
C VAL A 378 4.37 -2.25 -5.47
N LEU A 379 3.83 -2.78 -6.56
CA LEU A 379 4.51 -3.85 -7.29
C LEU A 379 5.81 -3.35 -7.92
N LEU A 380 5.80 -2.13 -8.46
CA LEU A 380 7.02 -1.58 -9.06
C LEU A 380 8.11 -1.38 -8.01
N MET A 381 7.74 -0.89 -6.83
CA MET A 381 8.74 -0.64 -5.80
C MET A 381 9.37 -1.93 -5.28
N MET A 382 8.56 -2.98 -5.16
CA MET A 382 9.10 -4.27 -4.73
C MET A 382 10.16 -4.78 -5.70
N HIS A 383 9.88 -4.71 -7.01
CA HIS A 383 10.85 -5.15 -7.99
C HIS A 383 12.06 -4.22 -8.03
N ASN A 384 11.82 -2.91 -8.05
CA ASN A 384 12.93 -1.96 -8.18
C ASN A 384 13.85 -2.01 -6.97
N PHE A 385 13.31 -2.24 -5.78
CA PHE A 385 14.17 -2.43 -4.61
C PHE A 385 14.95 -3.73 -4.72
N GLU A 386 14.25 -4.82 -5.07
CA GLU A 386 14.91 -6.12 -5.14
C GLU A 386 15.98 -6.15 -6.22
N HIS A 387 15.68 -5.60 -7.39
CA HIS A 387 16.68 -5.51 -8.45
C HIS A 387 17.87 -4.66 -8.01
N TYR A 388 17.60 -3.54 -7.33
CA TYR A 388 18.67 -2.67 -6.86
C TYR A 388 19.53 -3.35 -5.80
N PHE A 389 18.88 -4.02 -4.84
CA PHE A 389 19.64 -4.72 -3.80
C PHE A 389 20.47 -5.87 -4.37
N GLY A 390 19.95 -6.55 -5.39
CA GLY A 390 20.73 -7.58 -6.06
C GLY A 390 21.90 -7.01 -6.83
N PHE A 391 21.78 -5.76 -7.28
CA PHE A 391 22.91 -5.09 -7.92
C PHE A 391 24.04 -4.87 -6.92
N PHE A 392 23.71 -4.55 -5.66
CA PHE A 392 24.74 -4.38 -4.65
C PHE A 392 25.32 -5.71 -4.18
N CYS A 393 24.59 -6.81 -4.35
CA CYS A 393 25.19 -8.12 -4.13
C CYS A 393 26.25 -8.42 -5.18
N SER A 394 25.99 -8.02 -6.43
CA SER A 394 26.95 -8.25 -7.50
C SER A 394 28.22 -7.42 -7.31
N ILE A 395 28.11 -6.23 -6.72
CA ILE A 395 29.29 -5.44 -6.42
C ILE A 395 30.18 -6.17 -5.42
N ARG A 396 29.59 -6.64 -4.32
CA ARG A 396 30.36 -7.35 -3.31
C ARG A 396 30.86 -8.69 -3.85
N GLU A 397 30.06 -9.35 -4.69
CA GLU A 397 30.53 -10.57 -5.33
C GLU A 397 31.68 -10.29 -6.29
N ALA A 398 31.59 -9.20 -7.06
CA ALA A 398 32.66 -8.86 -8.00
C ALA A 398 33.94 -8.50 -7.27
N LEU A 399 33.84 -7.84 -6.11
CA LEU A 399 35.04 -7.53 -5.34
C LEU A 399 35.67 -8.79 -4.77
N LYS A 400 34.86 -9.80 -4.45
CA LYS A 400 35.42 -11.08 -4.02
C LYS A 400 36.23 -11.73 -5.14
N ASN A 401 35.76 -11.63 -6.38
CA ASN A 401 36.40 -12.26 -7.51
C ASN A 401 37.32 -11.32 -8.29
N ASP A 402 37.50 -10.09 -7.82
CA ASP A 402 38.33 -9.09 -8.49
C ASP A 402 37.90 -8.92 -9.95
N THR A 403 36.61 -8.59 -10.12
CA THR A 403 36.03 -8.46 -11.45
C THR A 403 35.09 -7.27 -11.54
N LEU A 404 35.36 -6.20 -10.80
CA LEU A 404 34.52 -5.02 -10.88
C LEU A 404 34.68 -4.30 -12.21
N ALA A 405 35.82 -4.47 -12.88
CA ALA A 405 36.00 -3.91 -14.21
C ALA A 405 34.94 -4.43 -15.17
N GLN A 406 34.79 -5.76 -15.23
CA GLN A 406 33.76 -6.35 -16.09
C GLN A 406 32.37 -5.87 -15.71
N LEU A 407 32.10 -5.76 -14.40
CA LEU A 407 30.79 -5.30 -13.96
C LEU A 407 30.56 -3.85 -14.34
N LYS A 408 31.58 -2.99 -14.16
CA LYS A 408 31.42 -1.58 -14.50
C LYS A 408 31.21 -1.41 -16.00
N GLU A 409 31.93 -2.18 -16.82
CA GLU A 409 31.76 -2.07 -18.26
C GLU A 409 30.41 -2.63 -18.69
N LEU A 410 29.90 -3.65 -17.98
CA LEU A 410 28.57 -4.15 -18.30
C LEU A 410 27.49 -3.14 -17.94
N ILE A 411 27.66 -2.43 -16.81
CA ILE A 411 26.68 -1.42 -16.44
C ILE A 411 26.77 -0.23 -17.38
N CYS A 412 27.99 0.19 -17.74
CA CYS A 412 28.14 1.38 -18.57
C CYS A 412 27.77 1.13 -20.02
N ARG A 413 28.01 -0.09 -20.53
CA ARG A 413 27.60 -0.41 -21.89
C ARG A 413 26.09 -0.31 -22.06
N GLN A 414 25.35 -0.35 -20.96
CA GLN A 414 23.91 -0.09 -20.95
C GLN A 414 23.60 1.35 -20.57
N MET A 415 24.62 2.23 -20.60
CA MET A 415 24.49 3.65 -20.28
C MET A 415 23.99 3.88 -18.86
N PRO B 6 -28.35 -29.54 -7.92
CA PRO B 6 -26.95 -29.15 -7.75
C PRO B 6 -26.81 -27.90 -6.88
N ARG B 7 -27.16 -28.02 -5.61
CA ARG B 7 -27.16 -26.87 -4.71
C ARG B 7 -25.75 -26.41 -4.41
N ILE B 8 -25.54 -25.08 -4.45
CA ILE B 8 -24.23 -24.52 -4.14
C ILE B 8 -24.09 -24.10 -2.69
N MET B 9 -25.17 -24.13 -1.91
CA MET B 9 -25.13 -23.70 -0.52
C MET B 9 -25.54 -24.85 0.39
N ARG B 10 -24.78 -25.05 1.46
CA ARG B 10 -25.13 -25.96 2.53
C ARG B 10 -25.38 -25.16 3.81
N LEU B 11 -26.53 -25.40 4.44
CA LEU B 11 -26.87 -24.76 5.70
C LEU B 11 -26.23 -25.54 6.84
N VAL B 12 -25.39 -24.87 7.63
CA VAL B 12 -24.69 -25.50 8.73
C VAL B 12 -25.41 -25.28 10.06
N ALA B 13 -25.88 -24.06 10.31
CA ALA B 13 -26.60 -23.77 11.53
C ALA B 13 -27.56 -22.61 11.28
N GLU B 14 -28.65 -22.60 12.05
CA GLU B 14 -29.64 -21.54 11.98
C GLU B 14 -29.95 -21.04 13.39
N CYS B 15 -30.33 -19.76 13.47
CA CYS B 15 -30.77 -19.20 14.74
C CYS B 15 -32.19 -19.68 15.02
N SER B 16 -32.39 -20.27 16.20
CA SER B 16 -33.69 -20.78 16.59
C SER B 16 -34.69 -19.67 16.89
N ARG B 17 -34.25 -18.41 16.87
CA ARG B 17 -35.12 -17.28 17.20
C ARG B 17 -35.33 -16.33 16.03
N SER B 18 -34.29 -16.05 15.26
CA SER B 18 -34.43 -15.15 14.12
C SER B 18 -34.21 -15.89 12.80
N GLY B 19 -33.86 -15.15 11.75
CA GLY B 19 -33.58 -15.71 10.46
C GLY B 19 -32.11 -15.92 10.15
N ALA B 20 -31.22 -15.79 11.13
CA ALA B 20 -29.78 -15.88 10.86
C ALA B 20 -29.41 -17.28 10.40
N ARG B 21 -28.49 -17.33 9.44
CA ARG B 21 -28.08 -18.58 8.80
C ARG B 21 -26.56 -18.64 8.75
N ALA B 22 -25.98 -19.69 9.30
CA ALA B 22 -24.58 -20.02 9.10
C ALA B 22 -24.50 -21.08 8.01
N GLY B 23 -23.88 -20.74 6.88
CA GLY B 23 -23.82 -21.67 5.77
C GLY B 23 -22.45 -21.79 5.13
N GLU B 24 -22.43 -22.31 3.90
CA GLU B 24 -21.17 -22.56 3.21
C GLU B 24 -21.48 -22.66 1.73
N LEU B 25 -20.69 -21.97 0.91
CA LEU B 25 -20.86 -21.97 -0.55
C LEU B 25 -19.79 -22.84 -1.18
N ARG B 26 -20.19 -23.75 -2.06
CA ARG B 26 -19.27 -24.59 -2.82
C ARG B 26 -19.09 -23.96 -4.20
N LEU B 27 -17.97 -23.29 -4.41
CA LEU B 27 -17.67 -22.58 -5.63
C LEU B 27 -16.44 -23.17 -6.30
N PRO B 28 -16.25 -22.94 -7.60
CA PRO B 28 -15.14 -23.60 -8.31
C PRO B 28 -13.75 -23.23 -7.80
N HIS B 29 -13.57 -22.07 -7.16
CA HIS B 29 -12.28 -21.69 -6.61
C HIS B 29 -12.25 -21.80 -5.09
N GLY B 30 -13.01 -22.71 -4.52
CA GLY B 30 -13.00 -22.98 -3.10
C GLY B 30 -14.35 -22.73 -2.46
N THR B 31 -14.42 -23.08 -1.18
CA THR B 31 -15.65 -22.93 -0.41
C THR B 31 -15.60 -21.64 0.41
N VAL B 32 -16.75 -20.99 0.54
CA VAL B 32 -16.88 -19.72 1.23
C VAL B 32 -17.84 -19.89 2.39
N ALA B 33 -17.38 -19.54 3.59
CA ALA B 33 -18.28 -19.52 4.74
C ALA B 33 -19.25 -18.35 4.62
N THR B 34 -20.51 -18.60 4.99
CA THR B 34 -21.51 -17.55 5.00
C THR B 34 -22.10 -17.42 6.40
N PRO B 35 -22.49 -16.21 6.82
CA PRO B 35 -22.51 -14.95 6.04
C PRO B 35 -21.13 -14.41 5.71
N VAL B 36 -21.02 -13.72 4.57
CA VAL B 36 -19.75 -13.24 4.06
C VAL B 36 -19.95 -11.85 3.49
N PHE B 37 -19.09 -10.92 3.88
CA PHE B 37 -18.97 -9.64 3.20
C PHE B 37 -17.92 -9.78 2.10
N MET B 38 -18.24 -9.28 0.92
CA MET B 38 -17.38 -9.46 -0.25
C MET B 38 -16.77 -8.13 -0.66
N PRO B 39 -15.47 -7.92 -0.45
CA PRO B 39 -14.85 -6.66 -0.86
C PRO B 39 -14.81 -6.53 -2.37
N VAL B 40 -14.72 -5.29 -2.84
CA VAL B 40 -14.62 -5.00 -4.26
C VAL B 40 -13.13 -4.99 -4.62
N GLY B 41 -12.64 -6.12 -5.13
CA GLY B 41 -11.22 -6.26 -5.39
C GLY B 41 -10.67 -5.22 -6.35
N THR B 42 -11.51 -4.73 -7.26
CA THR B 42 -11.09 -3.67 -8.18
C THR B 42 -10.61 -2.44 -7.41
N GLN B 43 -11.31 -2.10 -6.31
CA GLN B 43 -10.89 -0.97 -5.48
C GLN B 43 -9.76 -1.34 -4.53
N ALA B 44 -9.65 -2.62 -4.15
CA ALA B 44 -8.57 -3.05 -3.27
C ALA B 44 -7.21 -2.89 -3.95
N THR B 45 -7.08 -3.41 -5.18
CA THR B 45 -5.84 -3.22 -5.92
C THR B 45 -5.58 -1.73 -6.18
N MET B 46 -6.63 -0.98 -6.49
CA MET B 46 -6.48 0.48 -6.57
C MET B 46 -6.04 1.07 -5.25
N LYS B 47 -6.34 0.39 -4.14
CA LYS B 47 -5.90 0.83 -2.82
C LYS B 47 -4.49 0.40 -2.49
N GLY B 48 -3.86 -0.43 -3.33
CA GLY B 48 -2.50 -0.86 -3.10
C GLY B 48 -2.35 -2.10 -2.24
N ILE B 49 -3.28 -3.05 -2.34
CA ILE B 49 -3.27 -4.26 -1.55
C ILE B 49 -3.03 -5.43 -2.49
N THR B 50 -1.96 -6.17 -2.24
CA THR B 50 -1.63 -7.30 -3.11
C THR B 50 -2.59 -8.46 -2.86
N THR B 51 -2.49 -9.46 -3.74
CA THR B 51 -3.28 -10.68 -3.57
C THR B 51 -2.92 -11.39 -2.28
N GLU B 52 -1.62 -11.43 -1.94
CA GLU B 52 -1.19 -12.14 -0.74
C GLU B 52 -1.77 -11.50 0.51
N GLN B 53 -1.82 -10.17 0.56
CA GLN B 53 -2.42 -9.49 1.71
C GLN B 53 -3.90 -9.84 1.85
N LEU B 54 -4.65 -9.72 0.75
CA LEU B 54 -6.08 -10.00 0.78
C LEU B 54 -6.33 -11.45 1.17
N ASP B 55 -5.48 -12.36 0.70
CA ASP B 55 -5.60 -13.76 1.10
C ASP B 55 -5.26 -13.95 2.57
N SER B 56 -4.20 -13.29 3.05
CA SER B 56 -3.82 -13.42 4.46
C SER B 56 -4.88 -12.89 5.40
N LEU B 57 -5.77 -12.01 4.93
CA LEU B 57 -6.88 -11.54 5.74
C LEU B 57 -8.00 -12.57 5.85
N GLY B 58 -7.92 -13.67 5.11
CA GLY B 58 -8.96 -14.68 5.12
C GLY B 58 -10.05 -14.49 4.09
N CYS B 59 -9.92 -13.50 3.20
CA CYS B 59 -10.90 -13.30 2.16
C CYS B 59 -10.83 -14.42 1.13
N ARG B 60 -11.97 -15.04 0.86
CA ARG B 60 -12.05 -16.13 -0.11
C ARG B 60 -12.99 -15.81 -1.27
N ILE B 61 -13.49 -14.58 -1.35
CA ILE B 61 -14.31 -14.15 -2.48
C ILE B 61 -14.37 -12.63 -2.49
N CYS B 62 -14.14 -12.03 -3.66
CA CYS B 62 -14.24 -10.58 -3.81
C CYS B 62 -14.87 -10.28 -5.16
N LEU B 63 -15.22 -9.01 -5.36
CA LEU B 63 -15.96 -8.58 -6.53
C LEU B 63 -15.03 -7.99 -7.58
N GLY B 64 -15.45 -8.09 -8.83
CA GLY B 64 -14.84 -7.34 -9.92
C GLY B 64 -15.92 -6.56 -10.65
N ASN B 65 -15.55 -5.36 -11.09
CA ASN B 65 -16.49 -4.45 -11.75
C ASN B 65 -16.48 -4.72 -13.24
N THR B 66 -17.59 -5.23 -13.76
CA THR B 66 -17.65 -5.59 -15.18
C THR B 66 -17.51 -4.38 -16.09
N TYR B 67 -18.16 -3.27 -15.73
CA TYR B 67 -18.09 -2.08 -16.58
C TYR B 67 -16.68 -1.51 -16.61
N HIS B 68 -16.00 -1.46 -15.46
CA HIS B 68 -14.64 -0.96 -15.41
C HIS B 68 -13.71 -1.84 -16.25
N LEU B 69 -13.80 -3.15 -16.07
CA LEU B 69 -13.00 -4.07 -16.86
C LEU B 69 -13.37 -4.01 -18.34
N GLY B 70 -14.60 -3.60 -18.66
CA GLY B 70 -14.97 -3.39 -20.04
C GLY B 70 -14.30 -2.18 -20.67
N LEU B 71 -14.08 -1.13 -19.87
CA LEU B 71 -13.36 0.03 -20.37
C LEU B 71 -11.86 -0.21 -20.39
N ARG B 72 -11.33 -0.93 -19.40
CA ARG B 72 -9.92 -1.25 -19.31
C ARG B 72 -9.73 -2.49 -18.44
N PRO B 73 -9.02 -3.52 -18.94
CA PRO B 73 -8.37 -3.53 -20.25
C PRO B 73 -9.22 -4.15 -21.35
N GLY B 74 -10.51 -4.32 -21.11
CA GLY B 74 -11.39 -4.94 -22.08
C GLY B 74 -11.45 -6.44 -21.91
N PRO B 75 -12.56 -7.06 -22.33
CA PRO B 75 -12.71 -8.50 -22.15
C PRO B 75 -11.81 -9.32 -23.06
N GLU B 76 -11.41 -8.78 -24.20
CA GLU B 76 -10.52 -9.52 -25.09
C GLU B 76 -9.18 -9.79 -24.42
N LEU B 77 -8.65 -8.80 -23.70
CA LEU B 77 -7.38 -8.99 -23.02
C LEU B 77 -7.53 -9.91 -21.81
N ILE B 78 -8.65 -9.79 -21.09
CA ILE B 78 -8.89 -10.65 -19.94
C ILE B 78 -8.95 -12.11 -20.37
N ARG B 79 -9.54 -12.38 -21.54
CA ARG B 79 -9.53 -13.73 -22.07
C ARG B 79 -8.10 -14.19 -22.36
N LYS B 80 -7.32 -13.35 -23.04
CA LYS B 80 -5.93 -13.70 -23.32
C LYS B 80 -5.12 -13.90 -22.04
N ALA B 81 -5.52 -13.25 -20.95
CA ALA B 81 -4.85 -13.38 -19.67
C ALA B 81 -5.40 -14.53 -18.83
N GLN B 82 -6.08 -15.48 -19.45
CA GLN B 82 -6.69 -16.63 -18.75
C GLN B 82 -7.69 -16.14 -17.70
N GLY B 83 -8.60 -15.27 -18.13
CA GLY B 83 -9.65 -14.80 -17.26
C GLY B 83 -9.17 -13.81 -16.21
N LEU B 84 -10.13 -13.29 -15.45
CA LEU B 84 -9.81 -12.32 -14.41
C LEU B 84 -8.97 -12.94 -13.31
N HIS B 85 -9.20 -14.22 -12.99
CA HIS B 85 -8.36 -14.91 -12.02
C HIS B 85 -6.88 -14.82 -12.40
N GLY B 86 -6.55 -15.20 -13.64
CA GLY B 86 -5.17 -15.18 -14.05
C GLY B 86 -4.61 -13.78 -14.22
N PHE B 87 -5.47 -12.82 -14.56
CA PHE B 87 -5.01 -11.45 -14.81
C PHE B 87 -4.45 -10.82 -13.54
N MET B 88 -5.28 -10.70 -12.50
CA MET B 88 -4.85 -10.16 -11.21
C MET B 88 -4.19 -11.20 -10.31
N ASN B 89 -4.09 -12.44 -10.76
CA ASN B 89 -3.49 -13.53 -9.98
C ASN B 89 -4.23 -13.72 -8.64
N TRP B 90 -5.55 -13.87 -8.72
CA TRP B 90 -6.38 -14.11 -7.54
C TRP B 90 -6.73 -15.59 -7.48
N PRO B 91 -6.31 -16.32 -6.46
CA PRO B 91 -6.52 -17.77 -6.45
C PRO B 91 -7.91 -18.20 -5.99
N HIS B 92 -8.68 -17.31 -5.36
CA HIS B 92 -9.97 -17.71 -4.81
C HIS B 92 -11.12 -17.25 -5.70
N ASN B 93 -12.27 -17.00 -5.10
CA ASN B 93 -13.50 -16.81 -5.87
C ASN B 93 -13.67 -15.36 -6.29
N LEU B 94 -14.45 -15.17 -7.36
CA LEU B 94 -14.72 -13.85 -7.93
C LEU B 94 -16.20 -13.75 -8.28
N LEU B 95 -16.78 -12.58 -8.05
CA LEU B 95 -18.13 -12.26 -8.46
C LEU B 95 -18.09 -10.99 -9.30
N THR B 96 -18.76 -11.03 -10.45
CA THR B 96 -18.83 -9.89 -11.35
C THR B 96 -20.29 -9.50 -11.58
N ASP B 97 -20.51 -8.20 -11.79
CA ASP B 97 -21.84 -7.70 -12.09
C ASP B 97 -22.15 -7.86 -13.57
N SER B 98 -23.41 -7.60 -13.93
CA SER B 98 -23.83 -7.69 -15.31
C SER B 98 -23.17 -6.63 -16.19
N GLY B 99 -22.75 -5.52 -15.61
CA GLY B 99 -22.19 -4.42 -16.37
C GLY B 99 -23.19 -3.38 -16.81
N GLY B 100 -24.41 -3.40 -16.29
CA GLY B 100 -25.43 -2.48 -16.73
C GLY B 100 -25.43 -1.16 -15.98
N PHE B 101 -25.06 -1.19 -14.70
CA PHE B 101 -25.07 0.02 -13.88
C PHE B 101 -23.83 0.11 -12.98
N LEU B 109 -24.59 8.43 -18.94
CA LEU B 109 -25.89 8.28 -19.57
C LEU B 109 -26.05 6.88 -20.16
N SER B 110 -27.23 6.28 -19.97
CA SER B 110 -27.49 4.93 -20.45
C SER B 110 -28.98 4.77 -20.71
N GLU B 111 -29.36 4.69 -21.98
CA GLU B 111 -30.75 4.41 -22.34
C GLU B 111 -30.98 2.91 -22.37
N VAL B 112 -32.20 2.51 -22.04
CA VAL B 112 -32.58 1.09 -21.97
C VAL B 112 -33.73 0.84 -22.93
N THR B 113 -33.57 -0.17 -23.78
CA THR B 113 -34.64 -0.69 -24.62
C THR B 113 -34.74 -2.19 -24.38
N GLU B 114 -35.69 -2.84 -25.05
CA GLU B 114 -35.83 -4.28 -24.90
C GLU B 114 -34.57 -5.01 -25.37
N GLU B 115 -33.84 -4.43 -26.33
CA GLU B 115 -32.60 -5.05 -26.79
C GLU B 115 -31.56 -5.10 -25.69
N GLY B 116 -31.44 -4.03 -24.90
CA GLY B 116 -30.48 -4.01 -23.81
C GLY B 116 -30.18 -2.59 -23.39
N VAL B 117 -29.03 -2.42 -22.74
CA VAL B 117 -28.58 -1.13 -22.25
C VAL B 117 -27.69 -0.48 -23.31
N HIS B 118 -27.92 0.80 -23.55
CA HIS B 118 -27.22 1.54 -24.60
C HIS B 118 -26.25 2.53 -23.98
N PHE B 119 -24.99 2.48 -24.43
CA PHE B 119 -23.95 3.39 -23.96
C PHE B 119 -23.54 4.31 -25.10
N ARG B 120 -23.61 5.61 -24.84
CA ARG B 120 -23.21 6.60 -25.84
C ARG B 120 -21.71 6.83 -25.79
N SER B 121 -21.15 7.23 -26.93
CA SER B 121 -19.73 7.57 -26.93
C SER B 121 -19.56 9.07 -26.69
N PRO B 122 -18.53 9.47 -25.96
CA PRO B 122 -18.35 10.90 -25.64
C PRO B 122 -18.09 11.72 -26.89
N TYR B 123 -18.76 12.88 -26.97
CA TYR B 123 -18.63 13.81 -28.08
C TYR B 123 -18.98 13.12 -29.40
N ASP B 124 -20.20 12.57 -29.42
CA ASP B 124 -20.73 11.81 -30.56
C ASP B 124 -19.90 10.57 -30.83
N GLY B 125 -20.38 9.72 -31.73
CA GLY B 125 -19.74 8.46 -32.02
C GLY B 125 -20.68 7.28 -31.82
N GLU B 126 -20.21 6.13 -32.28
CA GLU B 126 -21.05 4.93 -32.30
C GLU B 126 -21.47 4.54 -30.89
N GLU B 127 -22.70 4.08 -30.76
CA GLU B 127 -23.18 3.57 -29.49
C GLU B 127 -22.64 2.16 -29.26
N THR B 128 -22.92 1.64 -28.06
CA THR B 128 -22.53 0.29 -27.69
C THR B 128 -23.72 -0.35 -26.98
N LEU B 129 -24.18 -1.49 -27.52
CA LEU B 129 -25.35 -2.18 -27.01
C LEU B 129 -24.90 -3.32 -26.10
N LEU B 130 -25.32 -3.29 -24.84
CA LEU B 130 -25.06 -4.36 -23.88
C LEU B 130 -26.38 -5.10 -23.67
N SER B 131 -26.58 -6.17 -24.43
CA SER B 131 -27.76 -7.00 -24.30
C SER B 131 -27.56 -8.00 -23.19
N PRO B 132 -28.63 -8.65 -22.73
CA PRO B 132 -28.45 -9.77 -21.77
C PRO B 132 -27.50 -10.83 -22.29
N GLU B 133 -27.57 -11.16 -23.58
CA GLU B 133 -26.67 -12.15 -24.16
C GLU B 133 -25.22 -11.70 -24.06
N ARG B 134 -24.95 -10.44 -24.42
CA ARG B 134 -23.57 -9.97 -24.40
C ARG B 134 -23.06 -9.84 -22.97
N SER B 135 -23.93 -9.53 -22.01
CA SER B 135 -23.50 -9.50 -20.62
C SER B 135 -22.99 -10.86 -20.17
N VAL B 136 -23.71 -11.93 -20.53
CA VAL B 136 -23.24 -13.27 -20.21
C VAL B 136 -21.93 -13.58 -20.93
N GLU B 137 -21.82 -13.19 -22.20
CA GLU B 137 -20.60 -13.45 -22.95
C GLU B 137 -19.42 -12.70 -22.34
N ILE B 138 -19.62 -11.43 -21.97
CA ILE B 138 -18.54 -10.65 -21.34
C ILE B 138 -18.13 -11.29 -20.03
N GLN B 139 -19.13 -11.66 -19.20
CA GLN B 139 -18.82 -12.27 -17.91
C GLN B 139 -18.23 -13.67 -18.07
N ASN B 140 -18.57 -14.37 -19.17
CA ASN B 140 -17.94 -15.65 -19.44
C ASN B 140 -16.46 -15.48 -19.75
N ALA B 141 -16.09 -14.38 -20.39
CA ALA B 141 -14.68 -14.13 -20.66
C ALA B 141 -13.91 -13.78 -19.39
N LEU B 142 -14.58 -13.15 -18.42
CA LEU B 142 -13.91 -12.81 -17.18
C LEU B 142 -13.64 -14.04 -16.32
N GLY B 143 -14.53 -15.04 -16.38
CA GLY B 143 -14.31 -16.29 -15.68
C GLY B 143 -14.66 -16.27 -14.20
N SER B 144 -15.48 -15.33 -13.75
CA SER B 144 -15.85 -15.27 -12.35
C SER B 144 -16.65 -16.50 -11.94
N ASP B 145 -16.62 -16.81 -10.64
CA ASP B 145 -17.33 -17.97 -10.13
C ASP B 145 -18.83 -17.73 -10.02
N ILE B 146 -19.23 -16.48 -9.81
CA ILE B 146 -20.63 -16.10 -9.75
C ILE B 146 -20.84 -14.93 -10.70
N ILE B 147 -21.86 -15.02 -11.55
CA ILE B 147 -22.19 -13.96 -12.49
C ILE B 147 -23.61 -13.48 -12.20
N MET B 148 -23.86 -12.21 -12.50
CA MET B 148 -25.14 -11.57 -12.21
C MET B 148 -25.91 -11.32 -13.49
N GLN B 149 -27.23 -11.51 -13.42
CA GLN B 149 -28.09 -11.25 -14.56
C GLN B 149 -28.08 -9.77 -14.92
N LEU B 150 -28.40 -9.48 -16.18
CA LEU B 150 -28.65 -8.11 -16.60
C LEU B 150 -30.08 -7.73 -16.24
N ASP B 151 -30.24 -6.61 -15.55
CA ASP B 151 -31.55 -6.15 -15.12
C ASP B 151 -31.77 -4.71 -15.57
N HIS B 152 -33.04 -4.31 -15.57
CA HIS B 152 -33.43 -2.94 -15.94
C HIS B 152 -33.60 -2.14 -14.66
N VAL B 153 -32.58 -1.37 -14.31
CA VAL B 153 -32.57 -0.60 -13.07
C VAL B 153 -33.07 0.82 -13.36
N VAL B 154 -34.17 1.19 -12.71
CA VAL B 154 -34.71 2.54 -12.81
C VAL B 154 -34.34 3.30 -11.54
N SER B 155 -34.45 4.62 -11.61
CA SER B 155 -34.01 5.51 -10.53
C SER B 155 -34.61 5.17 -9.17
N THR B 159 -40.55 7.26 -10.64
CA THR B 159 -41.48 6.38 -9.94
C THR B 159 -42.90 6.51 -10.51
N GLY B 160 -43.33 5.46 -11.19
CA GLY B 160 -44.66 5.39 -11.76
C GLY B 160 -44.84 4.11 -12.54
N PRO B 161 -45.16 4.22 -13.83
CA PRO B 161 -45.23 3.02 -14.68
C PRO B 161 -43.87 2.46 -15.04
N LEU B 162 -42.80 3.24 -14.89
CA LEU B 162 -41.47 2.76 -15.25
C LEU B 162 -40.97 1.69 -14.29
N VAL B 163 -41.41 1.73 -13.03
CA VAL B 163 -40.95 0.75 -12.05
C VAL B 163 -41.44 -0.64 -12.43
N GLU B 164 -42.74 -0.79 -12.67
CA GLU B 164 -43.28 -2.09 -13.06
C GLU B 164 -42.77 -2.52 -14.43
N GLU B 165 -42.65 -1.56 -15.35
CA GLU B 165 -42.12 -1.87 -16.68
C GLU B 165 -40.71 -2.45 -16.60
N ALA B 166 -39.88 -1.88 -15.73
CA ALA B 166 -38.50 -2.35 -15.61
C ALA B 166 -38.42 -3.69 -14.91
N MET B 167 -39.35 -3.97 -14.00
CA MET B 167 -39.34 -5.24 -13.28
C MET B 167 -39.62 -6.40 -14.23
N HIS B 168 -40.66 -6.27 -15.06
CA HIS B 168 -40.99 -7.33 -16.00
C HIS B 168 -39.90 -7.51 -17.05
N ARG B 169 -39.25 -6.42 -17.46
CA ARG B 169 -38.12 -6.55 -18.37
C ARG B 169 -36.95 -7.25 -17.71
N SER B 170 -36.74 -7.01 -16.41
CA SER B 170 -35.71 -7.73 -15.68
C SER B 170 -35.99 -9.22 -15.65
N VAL B 171 -37.27 -9.60 -15.62
CA VAL B 171 -37.62 -11.02 -15.68
C VAL B 171 -37.31 -11.58 -17.06
N ARG B 172 -37.76 -10.88 -18.11
CA ARG B 172 -37.48 -11.33 -19.47
C ARG B 172 -35.98 -11.36 -19.74
N TRP B 173 -35.24 -10.38 -19.21
CA TRP B 173 -33.79 -10.41 -19.35
C TRP B 173 -33.18 -11.56 -18.56
N LEU B 174 -33.82 -11.97 -17.47
CA LEU B 174 -33.35 -13.12 -16.72
C LEU B 174 -33.44 -14.39 -17.56
N ASP B 175 -34.58 -14.60 -18.23
CA ASP B 175 -34.71 -15.77 -19.09
C ASP B 175 -33.70 -15.75 -20.23
N ARG B 176 -33.37 -14.56 -20.74
CA ARG B 176 -32.41 -14.48 -21.83
C ARG B 176 -30.99 -14.74 -21.35
N CYS B 177 -30.66 -14.32 -20.12
CA CYS B 177 -29.36 -14.64 -19.56
C CYS B 177 -29.23 -16.14 -19.30
N ILE B 178 -30.31 -16.76 -18.80
CA ILE B 178 -30.28 -18.20 -18.55
C ILE B 178 -30.07 -18.98 -19.84
N ALA B 179 -30.71 -18.53 -20.92
CA ALA B 179 -30.53 -19.20 -22.21
C ALA B 179 -29.12 -19.00 -22.75
N ALA B 180 -28.58 -17.79 -22.61
CA ALA B 180 -27.25 -17.53 -23.14
C ALA B 180 -26.16 -18.21 -22.32
N HIS B 181 -26.42 -18.45 -21.03
CA HIS B 181 -25.44 -19.03 -20.12
C HIS B 181 -25.36 -20.53 -20.37
N LYS B 182 -24.38 -20.95 -21.17
CA LYS B 182 -24.28 -22.33 -21.62
C LYS B 182 -23.40 -23.20 -20.73
N HIS B 183 -22.76 -22.65 -19.71
CA HIS B 183 -21.86 -23.40 -18.85
C HIS B 183 -22.21 -23.19 -17.39
N PRO B 184 -23.39 -23.67 -16.95
CA PRO B 184 -23.75 -23.53 -15.53
C PRO B 184 -22.86 -24.31 -14.59
N ASP B 185 -22.06 -25.25 -15.11
CA ASP B 185 -21.15 -26.02 -14.27
C ASP B 185 -19.91 -25.23 -13.88
N LYS B 186 -19.59 -24.16 -14.61
CA LYS B 186 -18.39 -23.37 -14.34
C LYS B 186 -18.66 -21.99 -13.77
N GLN B 187 -19.83 -21.42 -14.04
CA GLN B 187 -20.20 -20.11 -13.51
C GLN B 187 -21.62 -20.17 -12.99
N ASN B 188 -21.87 -19.48 -11.88
CA ASN B 188 -23.18 -19.50 -11.23
C ASN B 188 -23.90 -18.18 -11.50
N LEU B 189 -25.07 -18.28 -12.13
CA LEU B 189 -25.85 -17.11 -12.51
C LEU B 189 -26.88 -16.79 -11.43
N PHE B 190 -26.86 -15.55 -10.97
CA PHE B 190 -27.78 -15.09 -9.93
C PHE B 190 -28.85 -14.19 -10.53
N ALA B 191 -30.08 -14.37 -10.08
CA ALA B 191 -31.16 -13.45 -10.39
C ALA B 191 -31.16 -12.30 -9.39
N ILE B 192 -31.71 -11.15 -9.82
CA ILE B 192 -31.75 -9.95 -9.01
C ILE B 192 -33.20 -9.53 -8.86
N ILE B 193 -33.71 -9.58 -7.62
CA ILE B 193 -35.09 -9.19 -7.34
C ILE B 193 -35.23 -7.68 -7.52
N GLN B 194 -36.23 -7.27 -8.29
CA GLN B 194 -36.55 -5.88 -8.52
C GLN B 194 -37.84 -5.53 -7.77
N GLY B 195 -38.54 -4.49 -8.23
CA GLY B 195 -39.74 -4.02 -7.59
C GLY B 195 -39.56 -2.77 -6.75
N GLY B 196 -38.33 -2.31 -6.54
CA GLY B 196 -38.08 -1.12 -5.76
C GLY B 196 -38.60 -1.28 -4.34
N LEU B 197 -39.29 -0.26 -3.86
CA LEU B 197 -39.92 -0.28 -2.55
C LEU B 197 -41.41 -0.61 -2.63
N ASN B 198 -41.92 -0.91 -3.82
CA ASN B 198 -43.31 -1.31 -3.98
C ASN B 198 -43.45 -2.78 -3.59
N ALA B 199 -44.23 -3.05 -2.54
CA ALA B 199 -44.37 -4.42 -2.06
C ALA B 199 -45.08 -5.30 -3.08
N ASP B 200 -46.10 -4.76 -3.77
CA ASP B 200 -46.82 -5.55 -4.74
C ASP B 200 -45.95 -5.92 -5.93
N LEU B 201 -45.13 -4.97 -6.40
CA LEU B 201 -44.24 -5.27 -7.51
C LEU B 201 -43.14 -6.24 -7.09
N ARG B 202 -42.52 -5.98 -5.94
CA ARG B 202 -41.44 -6.85 -5.46
C ARG B 202 -41.95 -8.28 -5.23
N THR B 203 -43.16 -8.42 -4.67
CA THR B 203 -43.73 -9.74 -4.49
C THR B 203 -43.95 -10.43 -5.83
N THR B 204 -44.41 -9.69 -6.83
CA THR B 204 -44.56 -10.26 -8.17
C THR B 204 -43.21 -10.74 -8.71
N CYS B 205 -42.18 -9.91 -8.59
CA CYS B 205 -40.86 -10.28 -9.08
C CYS B 205 -40.29 -11.46 -8.31
N LEU B 206 -40.60 -11.57 -7.02
CA LEU B 206 -40.19 -12.75 -6.26
C LEU B 206 -40.89 -14.00 -6.76
N LYS B 207 -42.19 -13.89 -7.06
CA LYS B 207 -42.93 -15.04 -7.57
C LYS B 207 -42.40 -15.48 -8.93
N GLU B 208 -42.11 -14.52 -9.81
CA GLU B 208 -41.69 -14.88 -11.16
C GLU B 208 -40.27 -15.42 -11.19
N MET B 209 -39.35 -14.78 -10.45
CA MET B 209 -37.95 -15.14 -10.57
C MET B 209 -37.59 -16.42 -9.83
N THR B 210 -38.33 -16.76 -8.77
CA THR B 210 -38.01 -17.99 -8.03
C THR B 210 -38.39 -19.24 -8.82
N LYS B 211 -39.22 -19.11 -9.86
CA LYS B 211 -39.53 -20.25 -10.72
C LYS B 211 -38.34 -20.64 -11.60
N ARG B 212 -37.39 -19.73 -11.78
CA ARG B 212 -36.22 -20.01 -12.62
C ARG B 212 -35.19 -20.82 -11.84
N ASP B 213 -34.57 -21.79 -12.51
CA ASP B 213 -33.54 -22.61 -11.88
C ASP B 213 -32.20 -21.89 -11.99
N VAL B 214 -32.02 -20.89 -11.12
CA VAL B 214 -30.73 -20.24 -10.94
C VAL B 214 -30.18 -20.67 -9.59
N PRO B 215 -28.86 -20.85 -9.45
CA PRO B 215 -28.33 -21.33 -8.17
C PRO B 215 -28.45 -20.33 -7.03
N GLY B 216 -28.57 -19.03 -7.32
CA GLY B 216 -28.62 -18.04 -6.27
C GLY B 216 -29.54 -16.89 -6.60
N PHE B 217 -29.85 -16.10 -5.57
CA PHE B 217 -30.72 -14.94 -5.72
C PHE B 217 -30.11 -13.74 -5.01
N ALA B 218 -30.23 -12.58 -5.66
CA ALA B 218 -29.77 -11.32 -5.12
C ALA B 218 -30.93 -10.35 -4.98
N ILE B 219 -30.83 -9.46 -4.00
CA ILE B 219 -31.87 -8.48 -3.69
C ILE B 219 -31.38 -7.13 -4.19
N GLY B 220 -32.02 -6.63 -5.26
CA GLY B 220 -31.59 -5.39 -5.86
C GLY B 220 -32.50 -4.21 -5.58
N GLY B 221 -31.97 -3.00 -5.78
CA GLY B 221 -32.76 -1.79 -5.63
C GLY B 221 -32.92 -1.29 -4.20
N LEU B 222 -32.00 -1.62 -3.31
CA LEU B 222 -32.11 -1.28 -1.89
C LEU B 222 -30.87 -0.55 -1.39
N SER B 223 -30.37 0.39 -2.18
CA SER B 223 -29.32 1.29 -1.73
C SER B 223 -29.46 2.58 -2.53
N GLY B 224 -30.69 3.07 -2.65
CA GLY B 224 -31.05 4.18 -3.53
C GLY B 224 -31.36 5.46 -2.78
N GLY B 225 -31.17 5.48 -1.46
CA GLY B 225 -31.55 6.63 -0.66
C GLY B 225 -32.91 6.55 -0.03
N GLU B 226 -33.53 5.37 -0.02
CA GLU B 226 -34.83 5.20 0.59
C GLU B 226 -34.75 5.35 2.11
N SER B 227 -35.92 5.38 2.74
CA SER B 227 -35.98 5.37 4.20
C SER B 227 -35.58 4.00 4.73
N LYS B 228 -35.04 3.98 5.95
CA LYS B 228 -34.58 2.73 6.54
C LYS B 228 -35.75 1.81 6.88
N ALA B 229 -36.92 2.37 7.18
CA ALA B 229 -38.10 1.54 7.43
C ALA B 229 -38.50 0.78 6.17
N GLN B 230 -38.59 1.49 5.04
CA GLN B 230 -38.86 0.81 3.78
C GLN B 230 -37.70 -0.08 3.35
N PHE B 231 -36.48 0.21 3.83
CA PHE B 231 -35.34 -0.62 3.46
C PHE B 231 -35.46 -2.02 4.06
N TRP B 232 -35.48 -2.12 5.39
CA TRP B 232 -35.46 -3.44 6.01
C TRP B 232 -36.76 -4.21 5.75
N LYS B 233 -37.86 -3.50 5.52
CA LYS B 233 -39.11 -4.18 5.20
C LYS B 233 -39.05 -4.84 3.83
N MET B 234 -38.40 -4.18 2.86
CA MET B 234 -38.20 -4.81 1.57
C MET B 234 -37.19 -5.93 1.63
N VAL B 235 -36.24 -5.87 2.56
CA VAL B 235 -35.30 -6.97 2.75
C VAL B 235 -36.05 -8.19 3.30
N ALA B 236 -36.84 -7.98 4.36
CA ALA B 236 -37.55 -9.09 4.99
C ALA B 236 -38.59 -9.69 4.06
N LEU B 237 -39.23 -8.87 3.23
CA LEU B 237 -40.14 -9.40 2.24
C LEU B 237 -39.41 -10.27 1.23
N SER B 238 -38.19 -9.88 0.85
CA SER B 238 -37.42 -10.67 -0.09
C SER B 238 -37.00 -12.00 0.53
N THR B 239 -36.40 -11.96 1.73
CA THR B 239 -35.91 -13.19 2.34
C THR B 239 -37.03 -14.14 2.71
N SER B 240 -38.25 -13.65 2.93
CA SER B 240 -39.35 -14.54 3.26
C SER B 240 -39.85 -15.33 2.08
N MET B 241 -39.58 -14.88 0.85
CA MET B 241 -40.03 -15.57 -0.35
C MET B 241 -38.89 -16.18 -1.16
N LEU B 242 -37.63 -15.95 -0.75
CA LEU B 242 -36.52 -16.56 -1.46
C LEU B 242 -36.26 -17.96 -0.95
N PRO B 243 -35.78 -18.86 -1.80
CA PRO B 243 -35.58 -20.25 -1.39
C PRO B 243 -34.64 -20.37 -0.20
N LYS B 244 -34.99 -21.25 0.73
CA LYS B 244 -34.18 -21.43 1.93
C LYS B 244 -32.87 -22.14 1.62
N ASP B 245 -32.82 -22.95 0.57
CA ASP B 245 -31.65 -23.76 0.26
C ASP B 245 -30.76 -23.11 -0.82
N LYS B 246 -30.90 -21.81 -1.04
CA LYS B 246 -30.05 -21.06 -1.94
C LYS B 246 -29.63 -19.77 -1.25
N PRO B 247 -28.45 -19.23 -1.60
CA PRO B 247 -27.97 -18.03 -0.92
C PRO B 247 -28.78 -16.80 -1.27
N ARG B 248 -28.81 -15.85 -0.34
CA ARG B 248 -29.47 -14.57 -0.51
C ARG B 248 -28.42 -13.47 -0.49
N TYR B 249 -28.34 -12.72 -1.58
CA TYR B 249 -27.29 -11.72 -1.80
C TYR B 249 -27.93 -10.33 -1.72
N LEU B 250 -27.57 -9.58 -0.68
CA LEU B 250 -28.01 -8.20 -0.53
C LEU B 250 -26.89 -7.30 -1.04
N MET B 251 -27.13 -6.59 -2.13
CA MET B 251 -26.11 -5.79 -2.78
C MET B 251 -26.05 -4.39 -2.17
N GLY B 252 -24.85 -3.85 -2.07
CA GLY B 252 -24.68 -2.48 -1.63
C GLY B 252 -25.03 -2.25 -0.17
N VAL B 253 -24.58 -3.14 0.72
CA VAL B 253 -24.80 -3.00 2.15
C VAL B 253 -23.48 -3.32 2.85
N GLY B 254 -22.93 -2.35 3.57
CA GLY B 254 -21.62 -2.52 4.16
C GLY B 254 -21.45 -1.99 5.57
N TYR B 255 -22.34 -1.11 5.99
CA TYR B 255 -22.27 -0.58 7.35
C TYR B 255 -22.48 -1.71 8.35
N ALA B 256 -21.73 -1.64 9.46
CA ALA B 256 -21.68 -2.76 10.40
C ALA B 256 -23.06 -3.07 10.97
N THR B 257 -23.82 -2.03 11.34
CA THR B 257 -25.16 -2.26 11.87
C THR B 257 -26.06 -2.91 10.82
N ASP B 258 -26.00 -2.42 9.58
CA ASP B 258 -26.86 -2.97 8.52
C ASP B 258 -26.55 -4.44 8.27
N LEU B 259 -25.28 -4.83 8.35
CA LEU B 259 -24.92 -6.22 8.16
C LEU B 259 -25.53 -7.10 9.24
N VAL B 260 -25.32 -6.73 10.50
CA VAL B 260 -25.86 -7.51 11.61
C VAL B 260 -27.37 -7.64 11.51
N VAL B 261 -28.05 -6.54 11.16
CA VAL B 261 -29.51 -6.57 11.06
C VAL B 261 -29.96 -7.46 9.90
N CYS B 262 -29.33 -7.32 8.74
CA CYS B 262 -29.75 -8.08 7.57
C CYS B 262 -29.36 -9.54 7.64
N VAL B 263 -28.32 -9.89 8.41
CA VAL B 263 -28.10 -11.30 8.72
C VAL B 263 -29.27 -11.85 9.53
N ALA B 264 -29.78 -11.06 10.48
CA ALA B 264 -30.93 -11.49 11.26
C ALA B 264 -32.17 -11.64 10.40
N LEU B 265 -32.24 -10.91 9.28
CA LEU B 265 -33.37 -11.02 8.36
C LEU B 265 -33.21 -12.16 7.35
N GLY B 266 -32.07 -12.83 7.33
CA GLY B 266 -31.88 -13.99 6.50
C GLY B 266 -30.97 -13.82 5.28
N CYS B 267 -30.17 -12.76 5.22
CA CYS B 267 -29.25 -12.58 4.11
C CYS B 267 -27.95 -13.33 4.34
N ASP B 268 -27.31 -13.74 3.25
CA ASP B 268 -26.10 -14.54 3.32
C ASP B 268 -24.87 -13.86 2.76
N MET B 269 -25.02 -13.01 1.75
CA MET B 269 -23.89 -12.38 1.07
C MET B 269 -24.11 -10.88 1.00
N PHE B 270 -23.00 -10.14 1.04
CA PHE B 270 -23.06 -8.68 1.04
C PHE B 270 -21.87 -8.14 0.28
N ASP B 271 -22.05 -6.96 -0.31
CA ASP B 271 -20.94 -6.26 -0.95
C ASP B 271 -21.14 -4.77 -0.73
N CYS B 272 -20.02 -4.04 -0.72
CA CYS B 272 -20.05 -2.59 -0.57
C CYS B 272 -18.65 -2.01 -0.72
N VAL B 273 -18.53 -0.84 -1.35
CA VAL B 273 -17.25 -0.15 -1.45
C VAL B 273 -16.94 0.62 -0.17
N TYR B 274 -17.81 0.54 0.83
CA TYR B 274 -17.64 1.35 2.05
C TYR B 274 -16.31 1.13 2.75
N PRO B 275 -15.87 -0.09 3.07
CA PRO B 275 -14.59 -0.25 3.80
C PRO B 275 -13.40 0.34 3.07
N THR B 276 -13.32 0.11 1.76
CA THR B 276 -12.23 0.69 0.98
C THR B 276 -12.31 2.22 0.93
N ARG B 277 -13.53 2.77 0.91
CA ARG B 277 -13.69 4.21 0.73
C ARG B 277 -13.20 4.98 1.96
N THR B 278 -13.76 4.69 3.14
CA THR B 278 -13.39 5.46 4.33
C THR B 278 -11.93 5.28 4.72
N ALA B 279 -11.29 4.19 4.28
CA ALA B 279 -9.85 4.05 4.50
C ALA B 279 -9.09 5.20 3.85
N ARG B 280 -9.56 5.68 2.69
CA ARG B 280 -8.95 6.85 2.06
C ARG B 280 -9.23 8.13 2.84
N PHE B 281 -10.29 8.16 3.64
CA PHE B 281 -10.67 9.34 4.42
C PHE B 281 -9.99 9.38 5.78
N GLY B 282 -9.10 8.45 6.08
CA GLY B 282 -8.42 8.41 7.36
C GLY B 282 -9.16 7.72 8.48
N SER B 283 -10.36 7.20 8.22
CA SER B 283 -11.20 6.60 9.25
C SER B 283 -10.99 5.09 9.31
N ALA B 284 -10.92 4.56 10.54
CA ALA B 284 -10.69 3.14 10.76
C ALA B 284 -11.85 2.55 11.56
N LEU B 285 -12.39 1.43 11.07
CA LEU B 285 -13.58 0.85 11.67
C LEU B 285 -13.25 0.12 12.97
N VAL B 286 -14.06 0.36 13.99
CA VAL B 286 -13.89 -0.26 15.31
C VAL B 286 -15.26 -0.66 15.84
N PRO B 287 -15.30 -1.53 16.86
CA PRO B 287 -16.60 -1.95 17.43
C PRO B 287 -17.42 -0.80 18.02
N THR B 288 -16.83 0.37 18.23
CA THR B 288 -17.57 1.53 18.72
C THR B 288 -17.92 2.50 17.61
N GLY B 289 -17.72 2.11 16.36
CA GLY B 289 -17.99 2.98 15.23
C GLY B 289 -16.78 3.13 14.33
N ASN B 290 -16.11 4.28 14.41
CA ASN B 290 -14.89 4.47 13.64
C ASN B 290 -13.99 5.45 14.38
N LEU B 291 -12.69 5.33 14.12
CA LEU B 291 -11.69 6.27 14.60
C LEU B 291 -11.27 7.16 13.43
N GLN B 292 -11.41 8.47 13.59
CA GLN B 292 -10.95 9.42 12.57
C GLN B 292 -9.50 9.76 12.87
N LEU B 293 -8.61 8.88 12.40
CA LEU B 293 -7.20 8.93 12.77
C LEU B 293 -6.46 10.15 12.25
N LYS B 294 -7.04 10.90 11.33
CA LYS B 294 -6.39 12.12 10.86
C LYS B 294 -6.49 13.26 11.88
N LYS B 295 -7.35 13.15 12.87
CA LYS B 295 -7.62 14.24 13.80
C LYS B 295 -6.55 14.32 14.89
N LYS B 296 -6.43 15.53 15.46
CA LYS B 296 -5.40 15.82 16.46
C LYS B 296 -5.40 14.83 17.62
N GLN B 297 -6.57 14.35 18.04
CA GLN B 297 -6.66 13.58 19.27
C GLN B 297 -5.90 12.27 19.23
N TYR B 298 -5.47 11.82 18.05
CA TYR B 298 -4.74 10.57 17.92
C TYR B 298 -3.25 10.79 17.71
N ALA B 299 -2.78 12.04 17.79
CA ALA B 299 -1.36 12.32 17.53
C ALA B 299 -0.46 11.67 18.57
N LYS B 300 -0.94 11.46 19.79
CA LYS B 300 -0.15 10.84 20.85
C LYS B 300 -0.82 9.58 21.40
N ASP B 301 -1.73 8.98 20.64
CA ASP B 301 -2.42 7.76 21.04
C ASP B 301 -1.57 6.58 20.60
N PHE B 302 -0.80 6.04 21.55
CA PHE B 302 0.20 5.01 21.25
C PHE B 302 -0.37 3.59 21.35
N SER B 303 -1.68 3.43 21.30
CA SER B 303 -2.31 2.13 21.25
C SER B 303 -2.61 1.74 19.80
N PRO B 304 -2.91 0.47 19.54
CA PRO B 304 -3.36 0.10 18.20
C PRO B 304 -4.79 0.56 17.94
N ILE B 305 -5.20 0.44 16.68
CA ILE B 305 -6.59 0.72 16.32
C ILE B 305 -7.53 -0.13 17.15
N ASN B 306 -7.27 -1.42 17.18
CA ASN B 306 -8.06 -2.40 17.91
C ASN B 306 -7.12 -3.52 18.33
N PRO B 307 -6.82 -3.65 19.62
CA PRO B 307 -5.92 -4.74 20.05
C PRO B 307 -6.50 -6.12 19.77
N GLU B 308 -7.81 -6.23 19.53
CA GLU B 308 -8.47 -7.49 19.20
C GLU B 308 -8.48 -7.78 17.71
N CYS B 309 -7.97 -6.88 16.90
CA CYS B 309 -7.97 -7.10 15.46
C CYS B 309 -6.71 -7.83 15.04
N PRO B 310 -6.81 -8.89 14.24
CA PRO B 310 -5.62 -9.67 13.85
C PRO B 310 -4.89 -9.15 12.63
N CYS B 311 -5.34 -8.05 12.02
CA CYS B 311 -4.75 -7.57 10.78
C CYS B 311 -3.31 -7.10 11.00
N PRO B 312 -2.52 -7.02 9.93
CA PRO B 312 -1.13 -6.55 10.07
C PRO B 312 -0.99 -5.17 10.69
N THR B 313 -1.92 -4.26 10.38
CA THR B 313 -1.84 -2.90 10.92
C THR B 313 -1.94 -2.92 12.45
N CYS B 314 -2.94 -3.63 12.98
CA CYS B 314 -3.17 -3.64 14.42
C CYS B 314 -2.18 -4.51 15.18
N GLN B 315 -1.50 -5.43 14.50
CA GLN B 315 -0.47 -6.21 15.16
C GLN B 315 0.87 -5.50 15.22
N THR B 316 1.03 -4.41 14.48
CA THR B 316 2.34 -3.77 14.34
C THR B 316 2.33 -2.29 14.70
N HIS B 317 1.28 -1.56 14.35
CA HIS B 317 1.32 -0.10 14.37
C HIS B 317 0.36 0.50 15.38
N SER B 318 0.66 1.72 15.78
CA SER B 318 -0.15 2.51 16.69
C SER B 318 -0.99 3.52 15.90
N ARG B 319 -2.03 4.03 16.56
CA ARG B 319 -2.82 5.10 15.98
C ARG B 319 -1.95 6.34 15.73
N ALA B 320 -1.02 6.62 16.64
CA ALA B 320 -0.19 7.81 16.51
C ALA B 320 0.69 7.75 15.27
N PHE B 321 1.26 6.58 14.97
CA PHE B 321 2.09 6.46 13.78
C PHE B 321 1.25 6.59 12.51
N LEU B 322 0.07 5.98 12.48
CA LEU B 322 -0.82 6.14 11.34
C LEU B 322 -1.24 7.59 11.19
N HIS B 323 -1.46 8.28 12.32
CA HIS B 323 -1.77 9.70 12.27
C HIS B 323 -0.64 10.49 11.63
N ALA B 324 0.61 10.09 11.92
CA ALA B 324 1.74 10.76 11.30
C ALA B 324 1.77 10.52 9.79
N LEU B 325 1.52 9.27 9.37
CA LEU B 325 1.51 8.96 7.94
C LEU B 325 0.40 9.72 7.22
N LEU B 326 -0.75 9.88 7.88
CA LEU B 326 -1.84 10.63 7.26
C LEU B 326 -1.47 12.08 7.03
N HIS B 327 -0.60 12.64 7.87
CA HIS B 327 -0.06 13.98 7.67
C HIS B 327 1.31 13.92 7.00
N SER B 328 1.36 13.22 5.86
CA SER B 328 2.56 13.11 5.05
C SER B 328 2.12 12.68 3.65
N ASP B 329 3.10 12.58 2.75
CA ASP B 329 2.83 12.18 1.37
C ASP B 329 2.88 10.68 1.17
N ASN B 330 2.94 9.90 2.24
CA ASN B 330 3.15 8.47 2.15
C ASN B 330 1.84 7.78 1.79
N THR B 331 1.82 7.11 0.64
CA THR B 331 0.63 6.36 0.23
C THR B 331 0.35 5.18 1.16
N THR B 332 1.36 4.73 1.93
CA THR B 332 1.16 3.61 2.83
C THR B 332 0.10 3.90 3.88
N ALA B 333 -0.18 5.17 4.15
CA ALA B 333 -1.25 5.51 5.09
C ALA B 333 -2.58 4.93 4.65
N LEU B 334 -2.84 4.93 3.34
CA LEU B 334 -4.07 4.34 2.83
C LEU B 334 -4.01 2.82 2.84
N HIS B 335 -2.82 2.23 2.62
CA HIS B 335 -2.70 0.78 2.63
C HIS B 335 -2.99 0.21 4.00
N HIS B 336 -2.46 0.84 5.06
CA HIS B 336 -2.68 0.34 6.41
C HIS B 336 -4.17 0.32 6.75
N LEU B 337 -4.88 1.38 6.40
CA LEU B 337 -6.29 1.49 6.75
C LEU B 337 -7.16 0.59 5.88
N THR B 338 -6.82 0.47 4.59
CA THR B 338 -7.56 -0.44 3.72
C THR B 338 -7.41 -1.88 4.19
N VAL B 339 -6.20 -2.26 4.61
CA VAL B 339 -5.98 -3.58 5.19
C VAL B 339 -6.86 -3.78 6.42
N HIS B 340 -6.84 -2.81 7.34
CA HIS B 340 -7.56 -2.98 8.60
C HIS B 340 -9.07 -2.99 8.39
N ASN B 341 -9.59 -2.07 7.56
CA ASN B 341 -11.04 -1.97 7.40
C ASN B 341 -11.61 -3.24 6.77
N ILE B 342 -10.91 -3.82 5.80
CA ILE B 342 -11.34 -5.10 5.25
C ILE B 342 -11.32 -6.17 6.33
N ALA B 343 -10.27 -6.16 7.16
CA ALA B 343 -10.17 -7.14 8.24
C ALA B 343 -11.30 -6.98 9.25
N TYR B 344 -11.75 -5.73 9.49
CA TYR B 344 -12.88 -5.52 10.38
C TYR B 344 -14.14 -6.15 9.83
N GLN B 345 -14.39 -5.97 8.53
CA GLN B 345 -15.58 -6.57 7.91
C GLN B 345 -15.53 -8.09 8.00
N LEU B 346 -14.38 -8.68 7.72
CA LEU B 346 -14.26 -10.13 7.81
C LEU B 346 -14.39 -10.60 9.26
N GLN B 347 -13.79 -9.87 10.20
CA GLN B 347 -13.88 -10.26 11.60
C GLN B 347 -15.31 -10.18 12.10
N LEU B 348 -16.06 -9.16 11.67
CA LEU B 348 -17.44 -9.01 12.12
C LEU B 348 -18.30 -10.17 11.62
N LEU B 349 -18.21 -10.48 10.32
CA LEU B 349 -19.05 -11.51 9.75
C LEU B 349 -18.67 -12.91 10.24
N SER B 350 -17.39 -13.14 10.57
CA SER B 350 -17.03 -14.43 11.13
C SER B 350 -17.47 -14.55 12.59
N ALA B 351 -17.49 -13.43 13.32
CA ALA B 351 -18.01 -13.46 14.69
C ALA B 351 -19.51 -13.66 14.68
N VAL B 352 -20.21 -13.06 13.71
CA VAL B 352 -21.63 -13.35 13.51
C VAL B 352 -21.84 -14.83 13.24
N ARG B 353 -21.00 -15.40 12.38
CA ARG B 353 -21.17 -16.81 12.01
C ARG B 353 -20.94 -17.72 13.21
N SER B 354 -19.95 -17.40 14.04
CA SER B 354 -19.69 -18.21 15.24
C SER B 354 -20.87 -18.15 16.19
N SER B 355 -21.50 -16.99 16.33
CA SER B 355 -22.65 -16.87 17.22
C SER B 355 -23.81 -17.72 16.74
N ILE B 356 -24.00 -17.82 15.42
CA ILE B 356 -25.05 -18.67 14.88
C ILE B 356 -24.72 -20.14 15.11
N LEU B 357 -23.45 -20.51 14.92
CA LEU B 357 -23.04 -21.89 15.17
C LEU B 357 -23.23 -22.24 16.64
N GLU B 358 -23.00 -21.29 17.53
CA GLU B 358 -23.08 -21.50 18.96
C GLU B 358 -24.42 -21.08 19.56
N GLN B 359 -25.42 -20.84 18.70
CA GLN B 359 -26.80 -20.59 19.14
C GLN B 359 -26.88 -19.46 20.15
N ARG B 360 -26.06 -18.44 19.96
CA ARG B 360 -26.03 -17.27 20.84
C ARG B 360 -26.15 -15.99 20.02
N PHE B 361 -26.77 -16.07 18.84
CA PHE B 361 -26.85 -14.90 17.98
C PHE B 361 -27.59 -13.71 18.60
N PRO B 362 -28.74 -13.88 19.27
CA PRO B 362 -29.38 -12.70 19.87
C PRO B 362 -28.53 -12.04 20.95
N ASP B 363 -27.90 -12.81 21.83
CA ASP B 363 -26.98 -12.23 22.80
C ASP B 363 -25.84 -11.52 22.11
N PHE B 364 -25.37 -12.07 20.98
CA PHE B 364 -24.33 -11.40 20.21
C PHE B 364 -24.84 -10.07 19.65
N VAL B 365 -26.08 -10.05 19.14
CA VAL B 365 -26.62 -8.81 18.58
C VAL B 365 -26.79 -7.77 19.66
N ARG B 366 -27.33 -8.16 20.82
CA ARG B 366 -27.50 -7.24 21.92
C ARG B 366 -26.16 -6.64 22.36
N ASN B 367 -25.11 -7.45 22.34
CA ASN B 367 -23.80 -6.94 22.74
C ASN B 367 -23.20 -6.04 21.66
N PHE B 368 -23.39 -6.41 20.38
CA PHE B 368 -22.92 -5.55 19.29
C PHE B 368 -23.60 -4.18 19.35
N MET B 369 -24.93 -4.17 19.51
CA MET B 369 -25.66 -2.90 19.57
C MET B 369 -25.26 -2.09 20.80
N ARG B 370 -25.04 -2.76 21.93
CA ARG B 370 -24.66 -2.05 23.14
C ARG B 370 -23.30 -1.41 23.00
N THR B 371 -22.33 -2.15 22.45
CA THR B 371 -21.01 -1.58 22.22
C THR B 371 -21.05 -0.46 21.18
N MET B 372 -21.93 -0.56 20.19
CA MET B 372 -21.95 0.44 19.12
C MET B 372 -22.64 1.73 19.57
N TYR B 373 -23.76 1.62 20.28
CA TYR B 373 -24.58 2.78 20.58
C TYR B 373 -24.72 3.09 22.06
N GLY B 374 -24.44 2.15 22.96
CA GLY B 374 -24.63 2.37 24.38
C GLY B 374 -26.00 1.90 24.82
N ASP B 375 -26.70 2.76 25.55
CA ASP B 375 -28.05 2.43 26.00
C ASP B 375 -28.94 2.13 24.81
N HIS B 376 -29.83 1.14 24.97
CA HIS B 376 -30.64 0.68 23.84
C HIS B 376 -31.53 1.77 23.29
N SER B 377 -31.90 2.75 24.12
CA SER B 377 -32.72 3.86 23.64
C SER B 377 -31.99 4.70 22.60
N LEU B 378 -30.67 4.61 22.53
CA LEU B 378 -29.88 5.35 21.55
C LEU B 378 -29.65 4.56 20.27
N CYS B 379 -30.12 3.31 20.20
CA CYS B 379 -30.00 2.56 18.95
C CYS B 379 -30.91 3.17 17.89
N PRO B 380 -30.54 3.03 16.61
CA PRO B 380 -31.41 3.53 15.54
C PRO B 380 -32.77 2.84 15.58
N ALA B 381 -33.83 3.65 15.43
CA ALA B 381 -35.18 3.13 15.58
C ALA B 381 -35.49 2.05 14.55
N TRP B 382 -35.02 2.22 13.32
CA TRP B 382 -35.27 1.22 12.29
C TRP B 382 -34.66 -0.13 12.66
N ALA B 383 -33.46 -0.12 13.26
CA ALA B 383 -32.80 -1.37 13.61
C ALA B 383 -33.51 -2.07 14.77
N VAL B 384 -34.04 -1.31 15.72
CA VAL B 384 -34.78 -1.91 16.82
C VAL B 384 -36.03 -2.61 16.30
N GLU B 385 -36.73 -1.98 15.35
CA GLU B 385 -37.91 -2.60 14.78
C GLU B 385 -37.55 -3.85 13.98
N ALA B 386 -36.52 -3.75 13.14
CA ALA B 386 -36.14 -4.89 12.30
C ALA B 386 -35.72 -6.09 13.15
N LEU B 387 -34.90 -5.85 14.17
CA LEU B 387 -34.48 -6.94 15.04
C LEU B 387 -35.65 -7.49 15.85
N ALA B 388 -36.56 -6.62 16.30
CA ALA B 388 -37.72 -7.09 17.03
C ALA B 388 -38.64 -7.93 16.15
N SER B 389 -38.68 -7.65 14.84
CA SER B 389 -39.51 -8.42 13.94
C SER B 389 -39.06 -9.87 13.84
N VAL B 390 -37.81 -10.17 14.22
CA VAL B 390 -37.32 -11.55 14.20
C VAL B 390 -36.96 -11.99 15.61
N GLY B 391 -37.61 -11.40 16.61
CA GLY B 391 -37.50 -11.89 17.96
C GLY B 391 -36.26 -11.50 18.73
N ILE B 392 -35.53 -10.48 18.29
CA ILE B 392 -34.34 -10.02 18.99
C ILE B 392 -34.67 -8.67 19.62
N MET B 393 -34.82 -8.66 20.94
CA MET B 393 -35.11 -7.46 21.71
C MET B 393 -33.84 -6.92 22.35
N LEU B 394 -33.87 -5.63 22.66
CA LEU B 394 -32.73 -4.96 23.28
C LEU B 394 -33.08 -4.44 24.67
ZN ZN C . 11.17 -8.46 -10.16
O1 TEW D . 26.70 34.22 9.78
O2 TEW D . 26.62 36.51 8.40
O3 TEW D . 24.38 35.62 9.88
O4 TEW D . 26.59 34.33 7.13
O5 TEW D . 24.15 35.69 7.19
O6 TEW D . 24.46 33.23 8.37
O7 TEW D . 26.22 36.58 11.10
O8 TEW D . 25.16 33.05 12.05
O9 TEW D . 24.04 35.21 12.56
O10 TEW D . 26.62 34.35 12.55
O11 TEW D . 28.53 37.59 10.05
O12 TEW D . 28.66 35.31 11.45
O13 TEW D . 29.05 35.20 8.79
O14 TEW D . 28.69 37.35 7.28
O15 TEW D . 27.10 36.21 5.46
O16 TEW D . 28.44 34.19 6.06
O17 TEW D . 28.59 37.46 12.77
O18 TEW D . 28.17 35.48 14.39
O19 TEW D . 26.73 37.48 13.85
O20 TEW D . 30.85 36.20 10.05
O21 TEW D . 31.10 36.22 12.67
O22 TEW D . 30.69 38.68 11.47
O23 TEW D . 30.12 38.72 7.82
O31 TEW D . 31.28 36.56 7.38
TE1 TEW D . 27.63 35.90 9.93
W1 TEW D . 25.15 34.80 8.30
W2 TEW D . 25.13 34.65 11.35
W3 TEW D . 27.98 35.67 6.84
W4 TEW D . 27.26 36.05 13.04
W5 TEW D . 30.07 37.08 11.58
W6 TEW D . 30.14 37.13 8.53
O1 TEW E . 36.49 34.32 -10.61
O2 TEW E . 37.23 36.78 -9.92
O3 TEW E . 34.58 36.06 -10.13
O4 TEW E . 37.60 36.20 -12.38
O5 TEW E . 35.35 37.83 -11.89
O6 TEW E . 35.04 35.29 -12.86
O7 TEW E . 35.76 35.24 -8.11
O8 TEW E . 34.04 32.68 -10.32
O9 TEW E . 33.00 34.29 -8.70
O10 TEW E . 35.21 32.71 -8.65
O11 TEW E . 38.41 35.73 -7.59
O12 TEW E . 37.62 33.29 -8.28
O13 TEW E . 39.09 34.82 -10.11
O14 TEW E . 39.65 37.33 -9.53
O15 TEW E . 38.89 38.39 -11.87
O16 TEW E . 39.68 36.18 -12.73
O17 TEW E . 37.28 33.88 -5.83
O18 TEW E . 35.95 31.70 -6.31
O19 TEW E . 35.20 33.93 -5.47
O20 TEW E . 40.30 33.95 -8.09
O21 TEW E . 39.43 32.16 -6.32
O22 TEW E . 39.86 34.71 -5.36
O23 TEW E . 40.90 37.33 -7.93
O31 TEW E . 41.86 35.70 -9.57
TE1 TEW E . 37.43 35.04 -9.10
W1 TEW E . 35.83 36.20 -11.63
W2 TEW E . 34.46 34.21 -9.62
W3 TEW E . 39.06 36.81 -11.24
W4 TEW E . 35.80 33.28 -6.96
W5 TEW E . 39.05 33.82 -6.59
W6 TEW E . 40.42 35.81 -8.61
ZN ZN F . -6.74 -4.10 12.31
P1 2I2 G . -36.89 8.23 9.78
O1 2I2 G . -34.14 6.15 7.36
O2 2I2 G . -32.22 7.28 8.86
O3 2I2 G . -32.89 11.17 8.63
P2 2I2 G . -33.79 8.97 11.75
O4 2I2 G . -35.40 11.38 7.63
O5 2I2 G . -37.67 12.04 10.56
O6 2I2 G . -36.00 12.21 12.70
O10 2I2 G . -34.03 4.81 12.48
O11 2I2 G . -38.36 8.22 9.50
O12 2I2 G . -32.59 9.69 12.31
O13 2I2 G . -34.26 8.90 7.82
O14 2I2 G . -33.83 8.99 10.22
O15 2I2 G . -36.09 7.39 8.80
O16 2I2 G . -34.28 6.08 10.08
O17 2I2 G . -34.88 11.55 10.37
O18 2I2 G . -36.40 9.70 9.66
O19 2I2 G . -37.56 9.90 12.27
O20 2I2 G . -35.06 9.64 12.28
O21 2I2 G . -35.82 6.75 13.33
O22 2I2 G . -36.52 7.66 11.16
O23 2I2 G . -33.72 7.52 12.13
O7 2I2 G . -36.36 8.99 14.76
O8 2I2 G . -38.37 7.70 13.49
O9 2I2 G . -36.46 4.88 11.34
W1 2I2 G . -33.94 7.23 8.70
W2 2I2 G . -34.46 10.52 8.78
W3 2I2 G . -36.45 11.23 11.40
W4 2I2 G . -36.84 8.38 13.20
W5 2I2 G . -35.14 5.88 11.72
O1 TEW H . -12.58 4.49 -5.83
O2 TEW H . -13.87 5.42 -7.94
O3 TEW H . -15.19 4.96 -5.45
O4 TEW H . -13.16 2.97 -7.94
O5 TEW H . -15.93 3.43 -7.58
O6 TEW H . -14.38 2.27 -5.62
O7 TEW H . -13.84 6.95 -5.65
O8 TEW H . -12.90 4.48 -2.91
O9 TEW H . -14.86 6.06 -2.98
O10 TEW H . -12.29 6.33 -3.58
O11 TEW H . -12.41 7.80 -7.79
O12 TEW H . -11.12 6.89 -5.67
O13 TEW H . -11.14 5.34 -7.96
O14 TEW H . -12.69 5.96 -10.02
O15 TEW H . -13.78 3.56 -10.35
O16 TEW H . -11.58 2.78 -9.39
O17 TEW H . -11.81 9.32 -5.65
O18 TEW H . -11.19 8.72 -3.25
O19 TEW H . -13.40 9.50 -4.18
O20 TEW H . -9.81 7.33 -8.15
O21 TEW H . -9.05 8.87 -6.05
O22 TEW H . -10.63 10.03 -7.98
O23 TEW H . -12.09 7.80 -10.70
O31 TEW H . -10.12 6.23 -10.63
TE1 TEW H . -12.49 6.14 -6.80
W1 TEW H . -14.47 3.62 -6.68
W2 TEW H . -13.83 5.29 -4.13
W3 TEW H . -12.56 4.21 -9.32
W4 TEW H . -12.41 8.08 -4.27
W5 TEW H . -10.53 8.68 -6.93
W6 TEW H . -11.15 6.99 -9.48
#